data_6I01
#
_entry.id   6I01
#
_cell.length_a   99.675
_cell.length_b   99.675
_cell.length_c   258.823
_cell.angle_alpha   90.00
_cell.angle_beta   90.00
_cell.angle_gamma   120.00
#
_symmetry.space_group_name_H-M   'P 61'
#
loop_
_entity.id
_entity.type
_entity.pdbx_description
1 polymer 'D-glucuronyl C5-epimerase'
2 branched 'beta-D-glucopyranuronic acid-(1-4)-2-deoxy-2-(sulfoamino)-alpha-D-glucopyranose-(1-4)-beta-D-glucopyranuronic acid-(1-4)-2-deoxy-2-(sulfoamino)-alpha-D-glucopyranose-(1-4)-beta-D-glucopyranuronic acid-(1-4)-2-deoxy-2-(sulfoamino)-alpha-D-glucopyranose-(1-4)-beta-D-glucopyranuronic acid'
3 branched 2-acetamido-2-deoxy-beta-D-glucopyranose-(1-2)-alpha-D-mannopyranose-(1-3)-[alpha-D-mannopyranose-(1-6)]beta-D-mannopyranose-(1-4)-2-acetamido-2-deoxy-beta-D-glucopyranose-(1-4)-2-acetamido-2-deoxy-beta-D-glucopyranose
4 branched alpha-D-mannopyranose-(1-3)-[alpha-D-mannopyranose-(1-6)]beta-D-mannopyranose-(1-4)-2-acetamido-2-deoxy-beta-D-glucopyranose-(1-4)-2-acetamido-2-deoxy-beta-D-glucopyranose
5 branched 2-acetamido-2-deoxy-beta-D-glucopyranose-(1-2)-alpha-D-mannopyranose-(1-6)-beta-D-mannopyranose-(1-4)-2-acetamido-2-deoxy-beta-D-glucopyranose-(1-4)-2-acetamido-2-deoxy-beta-D-glucopyranose
6 branched 2-acetamido-2-deoxy-beta-D-glucopyranose-(1-4)-2-acetamido-2-deoxy-beta-D-glucopyranose
7 non-polymer 2-acetamido-2-deoxy-beta-D-glucopyranose
8 non-polymer GLYCEROL
9 non-polymer 'ACETATE ION'
10 non-polymer 'CALCIUM ION'
11 water water
#
_entity_poly.entity_id   1
_entity_poly.type   'polypeptide(L)'
_entity_poly.pdbx_seq_one_letter_code
;DYKDDDDKVLGLKYEEIDCLINDEHTIKGRREGNEVFLPFTWVEKYFDVYGKVVQYDGYDRFEFSHSYSKVYAQRAPYHP
DGVFMSFEGYNVEVRDRVKCISGVEGVPLSTQWGPQGYFYPIQIAQYGLSHYSKNLTEKPPHIEVYETAEDRDKNKPNDW
TVPKGCFMANVADKSRFTNVKQFIAPETSEGVSLQLGNTKDFIISFDLKFLTNGSVSVVLETTEKNQLFTIHYVSNAQLI
AFKERDIYYGIGPRTSWSTVTRDLVTDLRKGVGLSNTKAVKPTKIMPKKVVRLIAKGKGFLDNITISTTAHMAAFFAASD
WLVRNQDEKGGWPIMVTRKLGEGFKSLEPGWYSAMAQGQAISTLVRAYLLTKDHIFLNSALRATAPYKFLSEQHGVKAVF
MNKHDWYEEYPTTPSSFVLNGFMYSLIGLYDLKETAGEKLGKEARSLYERGMESLKAMLPLYDTGSGTIYDLRHFMLGIA
PNLARWDFHTTHINQLQLLSTIDESPVFKEFVKRWKSYLKGSRAKHN
;
_entity_poly.pdbx_strand_id   A,B
#
# COMPACT_ATOMS: atom_id res chain seq x y z
N LEU A 12 -38.46 12.39 14.74
CA LEU A 12 -37.14 11.91 15.24
C LEU A 12 -36.42 13.08 15.93
N LYS A 13 -36.21 12.94 17.24
CA LYS A 13 -35.42 13.86 18.06
C LYS A 13 -33.92 13.55 17.92
N TYR A 14 -33.12 14.61 17.83
CA TYR A 14 -31.68 14.55 17.81
C TYR A 14 -31.13 15.75 18.58
N GLU A 15 -29.81 15.76 18.78
CA GLU A 15 -29.04 16.93 19.19
C GLU A 15 -27.91 17.15 18.19
N GLU A 16 -27.73 18.39 17.73
CA GLU A 16 -26.57 18.76 16.96
C GLU A 16 -25.36 18.66 17.89
N ILE A 17 -24.25 18.11 17.39
CA ILE A 17 -23.07 17.91 18.22
C ILE A 17 -21.83 18.22 17.38
N ASP A 18 -20.87 18.88 18.02
CA ASP A 18 -19.58 19.20 17.41
C ASP A 18 -18.76 17.91 17.29
N CYS A 19 -18.16 17.73 16.11
CA CYS A 19 -17.31 16.60 15.79
C CYS A 19 -15.94 17.12 15.37
N LEU A 20 -14.96 16.95 16.26
CA LEU A 20 -13.57 17.32 16.02
C LEU A 20 -12.90 16.21 15.21
N ILE A 21 -12.31 16.57 14.07
CA ILE A 21 -11.70 15.63 13.14
C ILE A 21 -10.17 15.73 13.26
N ASN A 22 -9.55 14.68 13.82
CA ASN A 22 -8.08 14.57 13.91
C ASN A 22 -7.49 15.81 14.61
N ASP A 23 -8.21 16.34 15.62
CA ASP A 23 -7.80 17.52 16.40
C ASP A 23 -7.53 18.76 15.54
N GLU A 24 -8.08 18.82 14.32
CA GLU A 24 -7.72 19.86 13.35
C GLU A 24 -8.90 20.77 12.95
N HIS A 25 -10.07 20.19 12.69
CA HIS A 25 -11.24 21.00 12.32
CA HIS A 25 -11.25 20.90 12.18
C HIS A 25 -12.52 20.34 12.85
N THR A 26 -13.56 21.16 13.01
CA THR A 26 -14.81 20.71 13.57
C THR A 26 -15.87 20.67 12.46
N ILE A 27 -16.64 19.59 12.42
CA ILE A 27 -17.83 19.52 11.58
C ILE A 27 -19.05 19.36 12.50
N LYS A 28 -20.23 19.53 11.92
CA LYS A 28 -21.50 19.42 12.64
C LYS A 28 -22.11 18.03 12.42
N GLY A 29 -22.22 17.26 13.50
CA GLY A 29 -22.88 15.97 13.48
C GLY A 29 -24.25 16.02 14.15
N ARG A 30 -24.84 14.84 14.33
CA ARG A 30 -26.13 14.67 14.99
C ARG A 30 -26.02 13.48 15.93
N ARG A 31 -26.63 13.60 17.10
CA ARG A 31 -26.53 12.61 18.15
C ARG A 31 -27.94 12.15 18.56
N GLU A 32 -28.10 10.83 18.69
CA GLU A 32 -29.28 10.22 19.28
C GLU A 32 -28.78 9.15 20.26
N GLY A 33 -29.01 9.41 21.55
CA GLY A 33 -28.46 8.58 22.60
C GLY A 33 -26.94 8.56 22.51
N ASN A 34 -26.40 7.35 22.37
CA ASN A 34 -24.96 7.11 22.27
C ASN A 34 -24.50 7.19 20.81
N GLU A 35 -25.45 7.12 19.86
CA GLU A 35 -25.13 7.06 18.44
C GLU A 35 -24.90 8.48 17.90
N VAL A 36 -23.75 8.67 17.25
CA VAL A 36 -23.46 9.89 16.51
C VAL A 36 -23.55 9.58 15.02
N PHE A 37 -24.20 10.48 14.27
CA PHE A 37 -24.35 10.41 12.83
C PHE A 37 -23.56 11.55 12.20
N LEU A 38 -22.76 11.21 11.18
CA LEU A 38 -21.85 12.12 10.54
C LEU A 38 -22.35 12.44 9.14
N PRO A 39 -22.18 13.70 8.67
CA PRO A 39 -22.66 14.09 7.35
C PRO A 39 -21.88 13.40 6.23
N PHE A 40 -22.61 12.87 5.24
CA PHE A 40 -22.01 12.20 4.14
C PHE A 40 -21.14 13.19 3.34
N THR A 41 -21.50 14.47 3.36
CA THR A 41 -20.70 15.56 2.79
CA THR A 41 -20.68 15.49 2.72
C THR A 41 -19.23 15.41 3.23
N TRP A 42 -19.03 15.12 4.53
CA TRP A 42 -17.69 14.94 5.07
C TRP A 42 -17.14 13.56 4.68
N VAL A 43 -17.94 12.52 4.90
CA VAL A 43 -17.51 11.13 4.66
C VAL A 43 -16.97 11.01 3.23
N GLU A 44 -17.77 11.51 2.28
CA GLU A 44 -17.47 11.45 0.85
C GLU A 44 -16.07 12.02 0.55
N LYS A 45 -15.79 13.21 1.07
CA LYS A 45 -14.55 13.90 0.77
C LYS A 45 -13.39 13.28 1.55
N TYR A 46 -13.60 12.95 2.82
CA TYR A 46 -12.54 12.51 3.69
C TYR A 46 -12.04 11.11 3.29
N PHE A 47 -12.96 10.23 2.93
CA PHE A 47 -12.60 8.84 2.58
C PHE A 47 -12.54 8.64 1.06
N ASP A 48 -12.90 9.66 0.30
CA ASP A 48 -12.92 9.61 -1.19
C ASP A 48 -13.84 8.47 -1.63
N VAL A 49 -15.11 8.56 -1.25
CA VAL A 49 -16.11 7.52 -1.57
C VAL A 49 -17.27 8.14 -2.35
N TYR A 50 -18.30 7.35 -2.66
CA TYR A 50 -19.37 7.79 -3.57
C TYR A 50 -20.72 7.40 -2.97
N GLY A 51 -21.74 8.24 -3.22
CA GLY A 51 -23.06 7.94 -2.75
C GLY A 51 -24.07 8.93 -3.29
N LYS A 52 -25.34 8.52 -3.37
CA LYS A 52 -26.43 9.41 -3.71
C LYS A 52 -27.76 8.77 -3.30
N VAL A 53 -28.76 9.63 -3.12
CA VAL A 53 -30.13 9.23 -2.86
C VAL A 53 -30.74 8.86 -4.20
N VAL A 54 -31.28 7.64 -4.27
CA VAL A 54 -32.00 7.15 -5.44
C VAL A 54 -33.48 7.08 -5.07
N GLN A 55 -34.32 7.66 -5.94
CA GLN A 55 -35.75 7.71 -5.73
C GLN A 55 -36.41 6.60 -6.56
N TYR A 56 -36.98 5.62 -5.87
CA TYR A 56 -37.83 4.61 -6.48
C TYR A 56 -39.27 4.97 -6.18
N ASP A 57 -40.19 4.29 -6.86
CA ASP A 57 -41.63 4.48 -6.66
C ASP A 57 -41.99 4.00 -5.24
N GLY A 58 -42.23 4.96 -4.34
CA GLY A 58 -42.62 4.70 -2.94
C GLY A 58 -41.46 4.31 -2.03
N TYR A 59 -40.21 4.56 -2.46
CA TYR A 59 -39.05 4.21 -1.65
C TYR A 59 -37.84 5.05 -2.06
N ASP A 60 -37.32 5.82 -1.09
CA ASP A 60 -36.05 6.55 -1.23
C ASP A 60 -34.96 5.74 -0.51
N ARG A 61 -33.81 5.62 -1.15
CA ARG A 61 -32.68 4.86 -0.61
C ARG A 61 -31.37 5.57 -0.94
N PHE A 62 -30.55 5.82 0.08
CA PHE A 62 -29.18 6.28 -0.12
C PHE A 62 -28.34 5.07 -0.54
N GLU A 63 -27.56 5.23 -1.60
CA GLU A 63 -26.80 4.14 -2.17
C GLU A 63 -25.33 4.55 -2.19
N PHE A 64 -24.56 3.80 -1.40
CA PHE A 64 -23.16 4.05 -1.16
C PHE A 64 -22.30 3.07 -1.98
N SER A 65 -21.22 3.60 -2.56
CA SER A 65 -20.23 2.80 -3.30
CA SER A 65 -20.23 2.79 -3.27
C SER A 65 -18.83 3.21 -2.85
N HIS A 66 -18.00 2.22 -2.51
CA HIS A 66 -16.62 2.41 -2.18
C HIS A 66 -15.84 2.92 -3.39
N SER A 67 -16.24 2.44 -4.57
CA SER A 67 -15.55 2.68 -5.81
C SER A 67 -16.56 3.05 -6.90
N TYR A 68 -16.03 3.42 -8.04
CA TYR A 68 -16.78 3.51 -9.29
C TYR A 68 -16.11 2.48 -10.21
N SER A 69 -16.73 2.14 -11.32
CA SER A 69 -16.09 1.19 -12.20
C SER A 69 -16.49 -0.21 -11.74
N LYS A 70 -16.72 -1.09 -12.72
CA LYS A 70 -17.23 -2.42 -12.48
C LYS A 70 -16.27 -3.40 -13.15
N VAL A 71 -16.19 -4.59 -12.58
CA VAL A 71 -15.46 -5.68 -13.17
C VAL A 71 -16.32 -6.29 -14.28
N TYR A 72 -15.70 -6.67 -15.40
CA TYR A 72 -16.37 -7.35 -16.50
C TYR A 72 -16.86 -8.73 -16.05
N ALA A 73 -18.12 -9.03 -16.36
CA ALA A 73 -18.71 -10.35 -16.14
C ALA A 73 -18.36 -11.23 -17.34
N GLN A 74 -17.30 -12.02 -17.16
CA GLN A 74 -16.77 -12.91 -18.16
C GLN A 74 -17.79 -14.03 -18.40
N ARG A 75 -18.18 -14.26 -19.66
CA ARG A 75 -19.18 -15.29 -20.02
C ARG A 75 -18.50 -16.55 -20.56
N ALA A 76 -17.22 -16.45 -20.90
CA ALA A 76 -16.53 -17.53 -21.58
C ALA A 76 -15.04 -17.44 -21.27
N PRO A 77 -14.31 -18.56 -21.36
CA PRO A 77 -12.85 -18.51 -21.32
C PRO A 77 -12.34 -17.67 -22.51
N TYR A 78 -11.18 -17.04 -22.35
CA TYR A 78 -10.67 -16.16 -23.37
C TYR A 78 -10.17 -17.00 -24.56
N HIS A 79 -10.49 -16.56 -25.79
CA HIS A 79 -9.91 -17.14 -27.00
CA HIS A 79 -9.90 -17.15 -27.01
C HIS A 79 -9.45 -16.02 -27.92
N PRO A 80 -8.36 -16.21 -28.69
CA PRO A 80 -7.87 -15.17 -29.60
C PRO A 80 -8.84 -14.66 -30.67
N ASP A 81 -9.82 -15.48 -31.08
CA ASP A 81 -10.78 -15.03 -32.08
C ASP A 81 -12.09 -14.53 -31.43
N GLY A 82 -12.17 -14.56 -30.09
CA GLY A 82 -13.36 -14.06 -29.36
C GLY A 82 -13.26 -12.59 -28.98
N VAL A 83 -14.21 -12.13 -28.17
CA VAL A 83 -14.23 -10.79 -27.64
C VAL A 83 -12.89 -10.51 -26.96
N PHE A 84 -12.46 -9.24 -27.05
CA PHE A 84 -11.24 -8.85 -26.44
C PHE A 84 -11.53 -8.35 -25.02
N MET A 85 -11.30 -9.25 -24.06
CA MET A 85 -11.49 -8.95 -22.66
C MET A 85 -12.91 -8.36 -22.49
N SER A 86 -13.00 -7.11 -22.03
CA SER A 86 -14.23 -6.40 -21.72
C SER A 86 -14.57 -5.35 -22.78
N PHE A 87 -13.84 -5.32 -23.90
CA PHE A 87 -13.89 -4.18 -24.85
C PHE A 87 -15.24 -4.07 -25.59
N GLU A 88 -16.14 -5.05 -25.44
CA GLU A 88 -17.50 -4.92 -25.95
C GLU A 88 -18.18 -3.70 -25.30
N GLY A 89 -17.75 -3.33 -24.08
CA GLY A 89 -18.32 -2.19 -23.33
C GLY A 89 -17.54 -0.90 -23.52
N TYR A 90 -16.42 -0.93 -24.23
CA TYR A 90 -15.59 0.26 -24.45
C TYR A 90 -16.24 1.16 -25.50
N ASN A 91 -16.08 2.48 -25.37
CA ASN A 91 -16.49 3.41 -26.40
C ASN A 91 -15.34 4.36 -26.65
N VAL A 92 -14.52 4.01 -27.64
CA VAL A 92 -13.29 4.71 -27.90
C VAL A 92 -13.60 6.11 -28.47
N GLU A 93 -14.55 6.20 -29.40
CA GLU A 93 -14.70 7.41 -30.21
C GLU A 93 -15.33 8.55 -29.40
N VAL A 94 -16.05 8.27 -28.31
CA VAL A 94 -16.65 9.32 -27.47
C VAL A 94 -15.60 9.93 -26.50
N ARG A 95 -14.46 9.26 -26.29
CA ARG A 95 -13.38 9.80 -25.43
C ARG A 95 -12.99 11.19 -25.96
N ASP A 96 -12.85 12.17 -25.06
CA ASP A 96 -12.62 13.56 -25.46
C ASP A 96 -11.17 13.75 -25.91
N ARG A 97 -10.30 12.77 -25.69
CA ARG A 97 -8.93 12.82 -26.22
C ARG A 97 -8.89 12.30 -27.68
N VAL A 98 -10.02 11.81 -28.21
CA VAL A 98 -10.15 11.50 -29.64
C VAL A 98 -10.64 12.75 -30.36
N LYS A 99 -9.75 13.39 -31.14
CA LYS A 99 -10.10 14.64 -31.81
C LYS A 99 -11.19 14.37 -32.86
N CYS A 100 -11.04 13.27 -33.58
CA CYS A 100 -11.96 12.87 -34.63
C CYS A 100 -11.52 11.53 -35.22
N ILE A 101 -12.39 10.96 -36.05
CA ILE A 101 -12.04 9.82 -36.87
C ILE A 101 -11.52 10.36 -38.20
N SER A 102 -10.25 10.10 -38.48
CA SER A 102 -9.57 10.59 -39.67
C SER A 102 -10.42 10.24 -40.90
N GLY A 103 -10.59 11.22 -41.79
CA GLY A 103 -11.26 10.99 -43.05
C GLY A 103 -10.45 10.08 -43.98
N VAL A 104 -9.12 10.30 -44.02
CA VAL A 104 -8.24 9.56 -44.94
C VAL A 104 -8.07 8.13 -44.44
N GLU A 105 -7.87 7.95 -43.12
CA GLU A 105 -7.40 6.69 -42.55
C GLU A 105 -8.56 5.89 -41.94
N GLY A 106 -9.61 6.57 -41.52
CA GLY A 106 -10.78 5.92 -40.91
C GLY A 106 -10.49 5.41 -39.51
N VAL A 107 -9.50 6.01 -38.83
CA VAL A 107 -9.14 5.64 -37.46
C VAL A 107 -9.03 6.89 -36.61
N PRO A 108 -9.17 6.78 -35.28
CA PRO A 108 -9.04 7.91 -34.36
C PRO A 108 -7.65 8.58 -34.34
N LEU A 109 -7.65 9.91 -34.18
CA LEU A 109 -6.49 10.74 -33.91
C LEU A 109 -6.58 11.20 -32.45
N SER A 110 -5.50 11.01 -31.70
CA SER A 110 -5.46 11.36 -30.28
C SER A 110 -4.84 12.75 -30.12
N THR A 111 -5.22 13.43 -29.04
CA THR A 111 -4.61 14.67 -28.62
C THR A 111 -4.16 14.58 -27.16
N GLN A 112 -4.06 13.36 -26.60
CA GLN A 112 -3.85 13.23 -25.15
C GLN A 112 -2.58 14.00 -24.72
N TRP A 113 -1.47 13.84 -25.45
CA TRP A 113 -0.20 14.48 -25.04
C TRP A 113 0.25 15.55 -26.06
N GLY A 114 -0.71 16.16 -26.75
CA GLY A 114 -0.41 17.19 -27.72
C GLY A 114 -1.64 17.60 -28.51
N PRO A 115 -2.05 18.89 -28.47
CA PRO A 115 -3.25 19.34 -29.18
C PRO A 115 -3.10 19.23 -30.71
N GLN A 116 -1.86 19.13 -31.22
CA GLN A 116 -1.62 19.05 -32.67
C GLN A 116 -2.24 17.75 -33.24
N GLY A 117 -2.36 16.71 -32.42
CA GLY A 117 -2.96 15.45 -32.86
C GLY A 117 -1.93 14.52 -33.46
N TYR A 118 -2.10 13.21 -33.21
CA TYR A 118 -1.20 12.19 -33.69
C TYR A 118 -1.97 10.88 -33.68
N PHE A 119 -1.60 9.97 -34.57
CA PHE A 119 -2.13 8.63 -34.57
C PHE A 119 -1.45 7.85 -33.45
N TYR A 120 -2.20 7.51 -32.40
CA TYR A 120 -1.70 6.71 -31.30
C TYR A 120 -2.08 5.24 -31.55
N PRO A 121 -1.11 4.36 -31.87
CA PRO A 121 -1.44 2.98 -32.21
C PRO A 121 -2.30 2.23 -31.16
N ILE A 122 -2.12 2.56 -29.87
CA ILE A 122 -2.89 1.89 -28.81
C ILE A 122 -4.39 2.21 -28.99
N GLN A 123 -4.69 3.49 -29.17
CA GLN A 123 -6.06 3.99 -29.35
C GLN A 123 -6.68 3.39 -30.64
N ILE A 124 -5.87 3.26 -31.69
CA ILE A 124 -6.32 2.71 -32.97
C ILE A 124 -6.61 1.21 -32.81
N ALA A 125 -5.73 0.49 -32.11
CA ALA A 125 -5.96 -0.92 -31.83
C ALA A 125 -7.23 -1.10 -30.99
N GLN A 126 -7.43 -0.24 -29.99
CA GLN A 126 -8.62 -0.32 -29.11
C GLN A 126 -9.89 -0.03 -29.90
N TYR A 127 -9.81 0.91 -30.86
CA TYR A 127 -10.91 1.20 -31.77
C TYR A 127 -11.30 -0.09 -32.48
N GLY A 128 -10.30 -0.74 -33.07
CA GLY A 128 -10.46 -1.99 -33.77
C GLY A 128 -11.01 -3.09 -32.88
N LEU A 129 -10.41 -3.27 -31.71
CA LEU A 129 -10.73 -4.41 -30.85
C LEU A 129 -12.11 -4.24 -30.23
N SER A 130 -12.50 -3.01 -29.87
CA SER A 130 -13.84 -2.76 -29.32
C SER A 130 -14.90 -3.02 -30.38
N HIS A 131 -14.68 -2.57 -31.61
CA HIS A 131 -15.66 -2.78 -32.69
C HIS A 131 -15.71 -4.27 -33.07
N TYR A 132 -14.56 -4.95 -33.06
CA TYR A 132 -14.53 -6.41 -33.24
C TYR A 132 -15.42 -7.09 -32.20
N SER A 133 -15.28 -6.67 -30.95
CA SER A 133 -15.97 -7.33 -29.83
C SER A 133 -17.48 -7.07 -29.92
N LYS A 134 -17.86 -5.82 -30.26
CA LYS A 134 -19.25 -5.44 -30.42
C LYS A 134 -19.88 -6.22 -31.58
N ASN A 135 -19.10 -6.50 -32.62
CA ASN A 135 -19.58 -7.27 -33.75
C ASN A 135 -20.09 -8.65 -33.27
N LEU A 136 -19.45 -9.22 -32.24
CA LEU A 136 -19.78 -10.56 -31.75
C LEU A 136 -20.92 -10.51 -30.73
N THR A 137 -21.18 -9.35 -30.11
CA THR A 137 -22.09 -9.30 -28.97
C THR A 137 -23.42 -8.60 -29.28
N GLU A 138 -23.46 -7.69 -30.26
CA GLU A 138 -24.66 -6.91 -30.52
C GLU A 138 -25.55 -7.63 -31.53
N LYS A 139 -26.81 -7.17 -31.63
CA LYS A 139 -27.73 -7.61 -32.69
C LYS A 139 -27.21 -7.10 -34.03
N PRO A 140 -27.37 -7.87 -35.13
CA PRO A 140 -27.00 -7.38 -36.45
C PRO A 140 -27.68 -6.05 -36.76
N PRO A 141 -27.04 -5.12 -37.49
CA PRO A 141 -27.66 -3.84 -37.77
C PRO A 141 -28.82 -3.93 -38.78
N HIS A 142 -29.73 -2.97 -38.72
CA HIS A 142 -30.60 -2.71 -39.84
C HIS A 142 -29.77 -2.00 -40.92
N ILE A 143 -29.91 -2.45 -42.17
CA ILE A 143 -29.22 -1.86 -43.30
C ILE A 143 -30.28 -1.44 -44.33
N GLU A 144 -30.28 -0.14 -44.65
CA GLU A 144 -31.17 0.42 -45.64
C GLU A 144 -30.33 0.84 -46.85
N VAL A 145 -30.70 0.32 -48.03
CA VAL A 145 -30.00 0.57 -49.27
C VAL A 145 -30.79 1.60 -50.08
N TYR A 146 -30.15 2.70 -50.47
CA TYR A 146 -30.80 3.79 -51.17
C TYR A 146 -30.46 3.83 -52.66
N GLU A 147 -29.29 3.28 -53.07
CA GLU A 147 -28.84 3.37 -54.48
C GLU A 147 -27.87 2.24 -54.82
N THR A 148 -28.24 1.41 -55.80
CA THR A 148 -27.37 0.36 -56.35
C THR A 148 -27.12 0.60 -57.85
N ALA A 149 -27.93 1.44 -58.50
CA ALA A 149 -27.88 1.72 -59.94
C ALA A 149 -28.13 0.44 -60.75
N GLU A 150 -28.81 -0.53 -60.16
CA GLU A 150 -29.15 -1.80 -60.83
C GLU A 150 -30.59 -1.70 -61.33
N ASP A 151 -31.27 -2.84 -61.53
CA ASP A 151 -32.73 -2.91 -61.47
C ASP A 151 -33.14 -3.36 -60.06
N ARG A 152 -32.87 -2.49 -59.07
CA ARG A 152 -33.27 -2.69 -57.67
C ARG A 152 -34.74 -2.29 -57.51
N ASP A 153 -35.03 -0.98 -57.64
CA ASP A 153 -36.39 -0.42 -57.50
C ASP A 153 -37.10 -0.44 -58.86
N ASN A 158 -36.44 8.06 -59.61
CA ASN A 158 -35.26 8.20 -58.74
C ASN A 158 -35.50 9.31 -57.71
N ASP A 159 -34.93 9.17 -56.52
CA ASP A 159 -34.99 10.21 -55.51
C ASP A 159 -33.85 11.23 -55.71
N TRP A 160 -33.33 11.39 -56.94
CA TRP A 160 -32.21 12.29 -57.20
C TRP A 160 -32.75 13.62 -57.73
N THR A 161 -32.21 14.72 -57.21
CA THR A 161 -32.43 16.04 -57.75
C THR A 161 -31.19 16.46 -58.53
N VAL A 162 -31.36 16.76 -59.81
CA VAL A 162 -30.28 17.14 -60.69
C VAL A 162 -30.59 18.54 -61.21
N PRO A 163 -30.01 19.61 -60.61
CA PRO A 163 -30.21 20.97 -61.10
C PRO A 163 -29.63 21.18 -62.51
N LYS A 164 -30.08 22.22 -63.20
CA LYS A 164 -29.59 22.54 -64.55
C LYS A 164 -28.08 22.80 -64.45
N GLY A 165 -27.33 22.26 -65.40
CA GLY A 165 -25.86 22.33 -65.42
C GLY A 165 -25.21 21.17 -64.70
N CYS A 166 -26.01 20.21 -64.21
CA CYS A 166 -25.52 18.95 -63.65
C CYS A 166 -26.05 17.78 -64.51
N PHE A 167 -25.45 16.60 -64.36
CA PHE A 167 -25.83 15.41 -65.09
C PHE A 167 -25.63 14.17 -64.22
N MET A 168 -26.45 13.15 -64.48
CA MET A 168 -26.31 11.83 -63.85
C MET A 168 -26.66 10.75 -64.87
N ALA A 169 -26.15 9.53 -64.65
CA ALA A 169 -26.44 8.39 -65.50
C ALA A 169 -26.12 7.11 -64.75
N ASN A 170 -26.81 6.02 -65.10
CA ASN A 170 -26.43 4.66 -64.72
C ASN A 170 -25.47 4.13 -65.78
N VAL A 171 -24.25 3.74 -65.37
CA VAL A 171 -23.22 3.26 -66.30
C VAL A 171 -22.55 2.02 -65.70
N ALA A 172 -22.10 1.11 -66.56
CA ALA A 172 -21.44 -0.12 -66.13
C ALA A 172 -19.99 0.18 -65.74
N ASP A 173 -19.48 -0.54 -64.74
CA ASP A 173 -18.08 -0.56 -64.37
C ASP A 173 -17.61 -2.02 -64.47
N LYS A 174 -16.91 -2.34 -65.55
CA LYS A 174 -16.47 -3.70 -65.85
C LYS A 174 -15.59 -4.21 -64.70
N SER A 175 -14.69 -3.36 -64.22
CA SER A 175 -13.73 -3.76 -63.19
C SER A 175 -14.45 -4.24 -61.92
N ARG A 176 -15.57 -3.59 -61.57
CA ARG A 176 -16.27 -3.87 -60.31
C ARG A 176 -17.51 -4.76 -60.52
N PHE A 177 -17.78 -5.16 -61.77
CA PHE A 177 -18.86 -6.10 -62.14
C PHE A 177 -20.23 -5.61 -61.63
N THR A 178 -20.49 -4.32 -61.82
CA THR A 178 -21.67 -3.68 -61.29
C THR A 178 -21.97 -2.44 -62.12
N ASN A 179 -23.21 -1.95 -61.99
CA ASN A 179 -23.57 -0.63 -62.47
C ASN A 179 -23.35 0.38 -61.34
N VAL A 180 -22.97 1.60 -61.73
CA VAL A 180 -22.65 2.67 -60.83
C VAL A 180 -23.40 3.92 -61.28
N LYS A 181 -23.46 4.91 -60.38
CA LYS A 181 -24.08 6.17 -60.62
C LYS A 181 -22.99 7.18 -60.98
N GLN A 182 -22.97 7.63 -62.23
CA GLN A 182 -22.09 8.71 -62.66
C GLN A 182 -22.75 10.04 -62.28
N PHE A 183 -21.93 11.01 -61.85
CA PHE A 183 -22.42 12.34 -61.51
C PHE A 183 -21.42 13.38 -62.03
N ILE A 184 -21.96 14.50 -62.51
CA ILE A 184 -21.18 15.66 -62.91
C ILE A 184 -21.90 16.90 -62.36
N ALA A 185 -21.21 17.66 -61.52
CA ALA A 185 -21.79 18.82 -60.87
C ALA A 185 -20.70 19.83 -60.51
N PRO A 186 -20.72 21.04 -61.09
CA PRO A 186 -19.75 22.06 -60.73
C PRO A 186 -19.92 22.47 -59.26
N GLU A 187 -18.85 22.97 -58.65
CA GLU A 187 -18.80 23.32 -57.24
C GLU A 187 -19.66 24.56 -56.97
N THR A 188 -19.71 25.48 -57.95
CA THR A 188 -20.51 26.69 -57.85
C THR A 188 -21.97 26.38 -58.18
N SER A 189 -22.47 25.21 -57.74
CA SER A 189 -23.85 24.78 -57.96
C SER A 189 -24.33 24.03 -56.71
N GLU A 190 -25.63 23.73 -56.66
CA GLU A 190 -26.23 23.04 -55.52
C GLU A 190 -25.67 21.63 -55.38
N GLY A 191 -25.24 21.04 -56.50
CA GLY A 191 -24.86 19.64 -56.58
C GLY A 191 -26.06 18.75 -56.81
N VAL A 192 -25.79 17.47 -57.10
CA VAL A 192 -26.84 16.46 -57.23
C VAL A 192 -27.11 15.89 -55.83
N SER A 193 -28.39 15.59 -55.56
CA SER A 193 -28.85 15.37 -54.20
C SER A 193 -29.78 14.16 -54.18
N LEU A 194 -29.51 13.22 -53.26
CA LEU A 194 -30.34 12.04 -53.04
C LEU A 194 -31.05 12.18 -51.69
N GLN A 195 -32.38 12.15 -51.70
CA GLN A 195 -33.17 12.19 -50.48
C GLN A 195 -33.00 10.85 -49.76
N LEU A 196 -32.84 10.92 -48.44
CA LEU A 196 -32.56 9.74 -47.61
C LEU A 196 -33.70 9.56 -46.59
N GLY A 197 -33.72 10.39 -45.55
CA GLY A 197 -34.85 10.48 -44.61
C GLY A 197 -34.80 9.49 -43.44
N ASN A 198 -33.61 9.02 -43.05
CA ASN A 198 -33.50 7.98 -42.01
C ASN A 198 -33.51 8.64 -40.61
N THR A 199 -34.40 8.18 -39.73
CA THR A 199 -34.55 8.73 -38.37
C THR A 199 -34.03 7.76 -37.30
N LYS A 200 -33.53 6.58 -37.67
CA LYS A 200 -33.17 5.54 -36.70
C LYS A 200 -31.67 5.20 -36.74
N ASP A 201 -31.03 5.31 -37.90
CA ASP A 201 -29.69 4.78 -38.13
C ASP A 201 -28.79 5.89 -38.70
N PHE A 202 -27.51 5.90 -38.31
CA PHE A 202 -26.66 7.06 -38.57
C PHE A 202 -25.26 6.69 -39.08
N ILE A 203 -25.05 5.44 -39.50
CA ILE A 203 -23.82 5.05 -40.18
C ILE A 203 -24.10 5.07 -41.69
N ILE A 204 -23.49 6.04 -42.39
CA ILE A 204 -23.63 6.14 -43.82
C ILE A 204 -22.43 5.48 -44.51
N SER A 205 -22.71 4.81 -45.61
CA SER A 205 -21.74 4.08 -46.37
C SER A 205 -22.00 4.28 -47.86
N PHE A 206 -20.93 4.38 -48.65
CA PHE A 206 -21.05 4.47 -50.10
C PHE A 206 -19.69 4.15 -50.74
N ASP A 207 -19.75 3.43 -51.86
CA ASP A 207 -18.62 3.25 -52.75
C ASP A 207 -18.47 4.53 -53.59
N LEU A 208 -17.23 5.02 -53.69
CA LEU A 208 -16.94 6.33 -54.28
C LEU A 208 -15.70 6.22 -55.18
N LYS A 209 -15.75 6.91 -56.32
CA LYS A 209 -14.58 7.15 -57.17
C LYS A 209 -14.73 8.53 -57.84
N PHE A 210 -13.82 9.44 -57.50
CA PHE A 210 -13.76 10.77 -58.11
C PHE A 210 -12.90 10.73 -59.37
N LEU A 211 -13.31 11.50 -60.38
CA LEU A 211 -12.52 11.76 -61.59
C LEU A 211 -11.76 13.09 -61.43
N THR A 212 -12.41 14.07 -60.79
CA THR A 212 -11.80 15.34 -60.40
C THR A 212 -11.88 15.49 -58.88
N ASN A 213 -11.43 16.63 -58.36
CA ASN A 213 -11.71 17.01 -56.98
C ASN A 213 -13.23 17.19 -56.83
N GLY A 214 -13.72 17.00 -55.59
CA GLY A 214 -15.11 17.19 -55.29
C GLY A 214 -15.42 16.92 -53.83
N SER A 215 -16.69 16.66 -53.54
CA SER A 215 -17.14 16.39 -52.19
C SER A 215 -18.43 15.57 -52.21
N VAL A 216 -18.64 14.82 -51.13
CA VAL A 216 -19.89 14.18 -50.82
C VAL A 216 -20.31 14.68 -49.43
N SER A 217 -21.48 15.30 -49.35
CA SER A 217 -21.95 15.96 -48.14
C SER A 217 -23.24 15.30 -47.66
N VAL A 218 -23.48 15.34 -46.35
CA VAL A 218 -24.66 14.77 -45.74
C VAL A 218 -25.30 15.84 -44.87
N VAL A 219 -26.58 16.10 -45.13
CA VAL A 219 -27.37 17.04 -44.36
C VAL A 219 -28.06 16.28 -43.23
N LEU A 220 -27.98 16.84 -42.01
CA LEU A 220 -28.53 16.27 -40.78
C LEU A 220 -29.49 17.27 -40.14
N GLU A 221 -30.68 16.80 -39.77
CA GLU A 221 -31.51 17.48 -38.81
C GLU A 221 -31.02 17.11 -37.40
N THR A 222 -30.93 18.09 -36.51
CA THR A 222 -30.27 17.90 -35.21
C THR A 222 -31.21 18.25 -34.06
N THR A 223 -30.80 17.94 -32.83
CA THR A 223 -31.58 18.18 -31.61
C THR A 223 -31.35 19.60 -31.09
N GLU A 224 -30.47 20.36 -31.75
CA GLU A 224 -30.17 21.72 -31.35
C GLU A 224 -31.12 22.69 -32.07
N LYS A 225 -32.29 22.90 -31.46
CA LYS A 225 -33.34 23.77 -31.94
C LYS A 225 -33.69 23.46 -33.40
N ASN A 226 -33.77 22.17 -33.72
CA ASN A 226 -34.30 21.66 -35.00
C ASN A 226 -33.45 22.12 -36.19
N GLN A 227 -32.19 22.46 -35.96
CA GLN A 227 -31.34 23.09 -36.96
C GLN A 227 -30.68 22.03 -37.86
N LEU A 228 -30.48 22.41 -39.14
CA LEU A 228 -29.73 21.61 -40.09
C LEU A 228 -28.23 21.89 -39.94
N PHE A 229 -27.45 20.81 -39.90
CA PHE A 229 -26.00 20.84 -39.97
C PHE A 229 -25.59 19.97 -41.15
N THR A 230 -24.55 20.38 -41.88
CA THR A 230 -24.05 19.62 -43.01
C THR A 230 -22.62 19.19 -42.72
N ILE A 231 -22.34 17.92 -43.01
CA ILE A 231 -21.00 17.37 -42.93
C ILE A 231 -20.51 17.10 -44.35
N HIS A 232 -19.39 17.73 -44.69
CA HIS A 232 -18.77 17.70 -46.02
C HIS A 232 -17.55 16.77 -46.00
N TYR A 233 -17.60 15.71 -46.80
CA TYR A 233 -16.48 14.79 -47.02
C TYR A 233 -15.77 15.20 -48.32
N VAL A 234 -14.65 15.92 -48.18
CA VAL A 234 -14.00 16.66 -49.26
C VAL A 234 -12.75 15.90 -49.71
N SER A 235 -12.43 16.01 -51.01
CA SER A 235 -11.35 15.20 -51.63
C SER A 235 -9.97 15.83 -51.41
N ASN A 236 -9.65 16.22 -50.16
CA ASN A 236 -8.33 16.69 -49.78
C ASN A 236 -7.90 16.00 -48.47
N ALA A 237 -6.75 16.40 -47.92
CA ALA A 237 -6.14 15.74 -46.76
C ALA A 237 -6.32 16.58 -45.48
N GLN A 238 -7.12 17.65 -45.53
CA GLN A 238 -7.36 18.45 -44.34
C GLN A 238 -8.18 17.63 -43.34
N LEU A 239 -7.80 17.70 -42.06
CA LEU A 239 -8.31 16.77 -41.06
C LEU A 239 -9.79 17.10 -40.76
N ILE A 240 -10.02 18.27 -40.16
CA ILE A 240 -11.31 18.65 -39.64
C ILE A 240 -11.40 20.18 -39.56
N ALA A 241 -12.57 20.72 -39.94
CA ALA A 241 -12.87 22.16 -39.83
C ALA A 241 -14.35 22.32 -39.47
N PHE A 242 -14.68 23.43 -38.79
CA PHE A 242 -16.04 23.70 -38.34
C PHE A 242 -16.32 25.20 -38.44
N LYS A 243 -17.32 25.58 -39.24
CA LYS A 243 -17.74 26.97 -39.40
C LYS A 243 -19.26 27.03 -39.49
N GLU A 244 -19.88 27.61 -38.46
CA GLU A 244 -21.33 27.90 -38.42
C GLU A 244 -22.06 26.55 -38.25
N ARG A 245 -22.71 26.01 -39.29
CA ARG A 245 -23.35 24.70 -39.23
C ARG A 245 -22.74 23.78 -40.30
N ASP A 246 -21.50 24.06 -40.70
CA ASP A 246 -20.81 23.24 -41.70
C ASP A 246 -19.56 22.61 -41.05
N ILE A 247 -19.46 21.29 -41.21
CA ILE A 247 -18.32 20.50 -40.75
C ILE A 247 -17.66 19.87 -41.97
N TYR A 248 -16.31 19.90 -42.00
CA TYR A 248 -15.52 19.44 -43.13
C TYR A 248 -14.50 18.40 -42.68
N TYR A 249 -14.49 17.25 -43.37
CA TYR A 249 -13.48 16.21 -43.21
C TYR A 249 -12.84 15.95 -44.57
N GLY A 250 -11.51 16.04 -44.64
CA GLY A 250 -10.79 15.56 -45.80
C GLY A 250 -10.75 14.04 -45.80
N ILE A 251 -11.15 13.42 -46.92
CA ILE A 251 -11.12 11.97 -47.07
C ILE A 251 -10.06 11.55 -48.10
N GLY A 252 -9.27 12.50 -48.59
CA GLY A 252 -8.20 12.23 -49.56
C GLY A 252 -8.73 12.13 -50.99
N PRO A 253 -7.86 11.94 -52.00
CA PRO A 253 -8.27 12.04 -53.41
C PRO A 253 -9.43 11.14 -53.82
N ARG A 254 -9.44 9.90 -53.32
CA ARG A 254 -10.43 8.87 -53.64
C ARG A 254 -10.58 8.75 -55.16
N THR A 255 -9.44 8.61 -55.87
CA THR A 255 -9.40 8.51 -57.33
C THR A 255 -9.46 7.04 -57.77
N SER A 256 -9.36 6.11 -56.82
CA SER A 256 -9.65 4.69 -57.03
C SER A 256 -10.81 4.26 -56.13
N TRP A 257 -11.60 3.28 -56.60
CA TRP A 257 -12.74 2.76 -55.84
C TRP A 257 -12.33 2.50 -54.39
N SER A 258 -13.15 2.96 -53.46
CA SER A 258 -13.08 2.58 -52.06
C SER A 258 -14.48 2.74 -51.45
N THR A 259 -14.72 2.02 -50.34
CA THR A 259 -15.93 2.14 -49.54
C THR A 259 -15.70 3.15 -48.41
N VAL A 260 -16.43 4.26 -48.44
CA VAL A 260 -16.41 5.25 -47.40
C VAL A 260 -17.50 4.91 -46.39
N THR A 261 -17.11 4.73 -45.12
CA THR A 261 -18.03 4.46 -44.02
C THR A 261 -17.81 5.51 -42.93
N ARG A 262 -18.87 6.24 -42.54
CA ARG A 262 -18.77 7.30 -41.54
C ARG A 262 -19.91 7.18 -40.53
N ASP A 263 -19.57 7.33 -39.25
CA ASP A 263 -20.56 7.47 -38.17
C ASP A 263 -20.93 8.96 -38.01
N LEU A 264 -22.17 9.28 -38.40
CA LEU A 264 -22.63 10.66 -38.45
C LEU A 264 -22.83 11.24 -37.04
N VAL A 265 -23.13 10.40 -36.04
CA VAL A 265 -23.22 10.86 -34.64
C VAL A 265 -21.84 11.40 -34.21
N THR A 266 -20.80 10.57 -34.32
CA THR A 266 -19.44 10.95 -33.97
C THR A 266 -18.98 12.15 -34.83
N ASP A 267 -19.20 12.09 -36.15
CA ASP A 267 -18.68 13.11 -37.04
C ASP A 267 -19.31 14.47 -36.72
N LEU A 268 -20.59 14.48 -36.35
CA LEU A 268 -21.28 15.72 -35.95
C LEU A 268 -20.74 16.22 -34.61
N ARG A 269 -20.60 15.33 -33.61
CA ARG A 269 -20.23 15.74 -32.24
CA ARG A 269 -20.22 15.70 -32.23
C ARG A 269 -18.79 16.27 -32.21
N LYS A 270 -17.88 15.62 -32.94
CA LYS A 270 -16.47 16.02 -33.00
C LYS A 270 -16.30 17.34 -33.77
N GLY A 271 -17.15 17.53 -34.80
CA GLY A 271 -17.15 18.79 -35.52
C GLY A 271 -17.58 19.96 -34.64
N VAL A 272 -18.78 19.85 -34.07
CA VAL A 272 -19.36 20.92 -33.25
C VAL A 272 -18.48 21.16 -32.00
N GLY A 273 -17.83 20.10 -31.50
CA GLY A 273 -16.98 20.17 -30.31
C GLY A 273 -15.53 20.56 -30.62
N LEU A 274 -15.24 20.91 -31.86
CA LEU A 274 -13.87 21.18 -32.29
C LEU A 274 -13.22 22.24 -31.40
N SER A 275 -12.00 21.94 -30.96
CA SER A 275 -11.27 22.70 -29.95
C SER A 275 -9.80 22.78 -30.36
N ASN A 276 -9.09 23.81 -29.87
CA ASN A 276 -7.64 23.91 -30.05
C ASN A 276 -6.91 23.28 -28.85
N THR A 277 -7.65 22.77 -27.87
CA THR A 277 -7.08 22.14 -26.67
C THR A 277 -6.93 20.64 -26.91
N LYS A 278 -6.42 19.95 -25.88
CA LYS A 278 -6.26 18.50 -25.90
C LYS A 278 -7.60 17.78 -25.68
N ALA A 279 -8.69 18.51 -25.44
CA ALA A 279 -9.99 17.88 -25.20
C ALA A 279 -11.09 18.51 -26.05
N VAL A 280 -11.90 17.65 -26.67
CA VAL A 280 -13.09 18.06 -27.42
C VAL A 280 -14.07 18.74 -26.45
N LYS A 281 -14.77 19.78 -26.94
CA LYS A 281 -15.77 20.46 -26.13
C LYS A 281 -16.94 19.51 -25.92
N PRO A 282 -17.53 19.44 -24.70
CA PRO A 282 -18.73 18.62 -24.51
C PRO A 282 -19.89 19.24 -25.32
N THR A 283 -20.74 18.39 -25.87
CA THR A 283 -21.94 18.81 -26.54
C THR A 283 -23.01 17.75 -26.30
N LYS A 284 -24.26 18.18 -26.30
CA LYS A 284 -25.39 17.28 -26.23
C LYS A 284 -25.98 17.01 -27.62
N ILE A 285 -25.44 17.65 -28.67
CA ILE A 285 -26.07 17.60 -30.00
C ILE A 285 -26.06 16.16 -30.52
N MET A 286 -27.19 15.76 -31.13
CA MET A 286 -27.39 14.49 -31.78
C MET A 286 -28.11 14.73 -33.12
N PRO A 287 -27.85 13.90 -34.14
CA PRO A 287 -28.65 13.91 -35.36
C PRO A 287 -29.96 13.18 -35.06
N LYS A 288 -31.08 13.69 -35.57
CA LYS A 288 -32.35 12.96 -35.43
C LYS A 288 -32.84 12.50 -36.80
N LYS A 289 -32.26 13.00 -37.87
CA LYS A 289 -32.63 12.56 -39.21
C LYS A 289 -31.46 12.78 -40.18
N VAL A 290 -31.17 11.77 -40.98
CA VAL A 290 -30.28 11.88 -42.12
C VAL A 290 -31.15 12.33 -43.32
N VAL A 291 -30.99 13.59 -43.73
CA VAL A 291 -31.90 14.22 -44.67
C VAL A 291 -31.56 13.81 -46.10
N ARG A 292 -30.36 14.16 -46.57
CA ARG A 292 -29.99 13.93 -47.98
C ARG A 292 -28.47 13.96 -48.14
N LEU A 293 -28.02 13.38 -49.26
CA LEU A 293 -26.61 13.29 -49.65
C LEU A 293 -26.40 14.11 -50.92
N ILE A 294 -25.39 14.99 -50.92
CA ILE A 294 -25.10 15.94 -52.00
C ILE A 294 -23.72 15.61 -52.58
N ALA A 295 -23.65 15.47 -53.92
CA ALA A 295 -22.39 15.16 -54.63
C ALA A 295 -21.98 16.36 -55.51
N LYS A 296 -20.71 16.77 -55.40
CA LYS A 296 -20.14 17.83 -56.21
C LYS A 296 -18.85 17.33 -56.86
N GLY A 297 -18.57 17.87 -58.05
CA GLY A 297 -17.45 17.46 -58.89
C GLY A 297 -17.86 16.37 -59.87
N LYS A 298 -16.89 15.64 -60.40
CA LYS A 298 -17.13 14.57 -61.37
C LYS A 298 -16.68 13.25 -60.76
N GLY A 299 -17.56 12.24 -60.80
CA GLY A 299 -17.21 10.95 -60.26
C GLY A 299 -18.34 9.94 -60.35
N PHE A 300 -18.25 8.91 -59.51
CA PHE A 300 -19.16 7.78 -59.52
C PHE A 300 -19.48 7.38 -58.07
N LEU A 301 -20.72 6.95 -57.85
CA LEU A 301 -21.22 6.49 -56.55
C LEU A 301 -21.92 5.14 -56.75
N ASP A 302 -21.85 4.28 -55.74
CA ASP A 302 -22.58 3.03 -55.71
C ASP A 302 -22.82 2.60 -54.25
N ASN A 303 -23.83 1.73 -54.07
CA ASN A 303 -24.11 1.07 -52.81
C ASN A 303 -24.24 2.08 -51.67
N ILE A 304 -25.10 3.10 -51.84
CA ILE A 304 -25.34 4.09 -50.81
C ILE A 304 -26.27 3.45 -49.76
N THR A 305 -25.80 3.39 -48.51
CA THR A 305 -26.48 2.67 -47.45
CA THR A 305 -26.50 2.68 -47.45
C THR A 305 -26.45 3.48 -46.14
N ILE A 306 -27.41 3.20 -45.26
CA ILE A 306 -27.39 3.70 -43.89
C ILE A 306 -27.72 2.52 -42.97
N SER A 307 -26.86 2.34 -41.96
CA SER A 307 -26.85 1.16 -41.09
CA SER A 307 -26.86 1.16 -41.10
C SER A 307 -26.84 1.61 -39.63
N THR A 308 -27.31 0.73 -38.74
CA THR A 308 -27.30 1.02 -37.31
C THR A 308 -25.85 1.11 -36.84
N THR A 309 -25.04 0.16 -37.32
CA THR A 309 -23.65 -0.01 -36.93
C THR A 309 -22.89 -0.53 -38.16
N ALA A 310 -21.56 -0.40 -38.14
CA ALA A 310 -20.69 -0.99 -39.13
C ALA A 310 -19.36 -1.37 -38.46
N HIS A 311 -19.43 -2.39 -37.60
CA HIS A 311 -18.35 -2.73 -36.71
C HIS A 311 -17.14 -3.26 -37.51
N MET A 312 -17.39 -4.09 -38.52
CA MET A 312 -16.30 -4.74 -39.23
C MET A 312 -15.52 -3.73 -40.08
N ALA A 313 -16.21 -2.73 -40.64
CA ALA A 313 -15.51 -1.67 -41.38
C ALA A 313 -14.51 -0.97 -40.45
N ALA A 314 -14.92 -0.69 -39.21
CA ALA A 314 -14.07 -0.01 -38.23
C ALA A 314 -12.86 -0.91 -37.87
N PHE A 315 -13.14 -2.18 -37.61
CA PHE A 315 -12.13 -3.16 -37.27
C PHE A 315 -11.08 -3.27 -38.38
N PHE A 316 -11.51 -3.36 -39.65
CA PHE A 316 -10.57 -3.49 -40.76
C PHE A 316 -9.84 -2.17 -41.03
N ALA A 317 -10.45 -1.02 -40.73
CA ALA A 317 -9.74 0.26 -40.89
C ALA A 317 -8.54 0.29 -39.93
N ALA A 318 -8.74 -0.20 -38.70
CA ALA A 318 -7.70 -0.30 -37.71
C ALA A 318 -6.62 -1.29 -38.15
N SER A 319 -7.04 -2.51 -38.53
CA SER A 319 -6.12 -3.56 -39.00
C SER A 319 -5.28 -3.08 -40.20
N ASP A 320 -5.92 -2.43 -41.18
CA ASP A 320 -5.24 -1.95 -42.38
C ASP A 320 -4.23 -0.87 -41.99
N TRP A 321 -4.62 0.00 -41.05
CA TRP A 321 -3.74 1.07 -40.64
C TRP A 321 -2.48 0.47 -39.99
N LEU A 322 -2.67 -0.56 -39.15
CA LEU A 322 -1.57 -1.20 -38.46
C LEU A 322 -0.62 -1.83 -39.49
N VAL A 323 -1.17 -2.49 -40.51
CA VAL A 323 -0.32 -3.12 -41.52
C VAL A 323 0.52 -2.05 -42.20
N ARG A 324 -0.12 -0.95 -42.64
CA ARG A 324 0.52 0.07 -43.46
C ARG A 324 1.52 0.88 -42.63
N ASN A 325 1.37 0.94 -41.30
CA ASN A 325 2.15 1.91 -40.52
C ASN A 325 3.22 1.24 -39.65
N GLN A 326 3.33 -0.09 -39.67
CA GLN A 326 4.40 -0.82 -39.02
C GLN A 326 5.73 -0.46 -39.70
N ASP A 327 6.80 -0.29 -38.91
CA ASP A 327 8.10 0.07 -39.46
C ASP A 327 8.91 -1.22 -39.69
N GLU A 328 10.16 -1.04 -40.12
CA GLU A 328 11.01 -2.16 -40.53
C GLU A 328 11.50 -2.93 -39.30
N LYS A 329 11.43 -2.35 -38.10
CA LYS A 329 11.81 -3.06 -36.87
C LYS A 329 10.63 -3.82 -36.25
N GLY A 330 9.47 -3.78 -36.92
CA GLY A 330 8.25 -4.44 -36.46
C GLY A 330 7.44 -3.59 -35.50
N GLY A 331 7.87 -2.34 -35.30
CA GLY A 331 7.24 -1.46 -34.33
C GLY A 331 6.27 -0.48 -34.96
N TRP A 332 5.38 0.05 -34.11
CA TRP A 332 4.57 1.23 -34.40
C TRP A 332 5.13 2.40 -33.60
N PRO A 333 5.96 3.26 -34.22
CA PRO A 333 6.58 4.36 -33.51
C PRO A 333 5.50 5.37 -33.09
N ILE A 334 5.61 5.88 -31.86
CA ILE A 334 4.66 6.81 -31.31
C ILE A 334 5.26 8.20 -31.45
N MET A 335 4.60 9.03 -32.27
CA MET A 335 5.17 10.28 -32.76
C MET A 335 4.65 11.44 -31.91
N VAL A 336 4.95 11.38 -30.60
CA VAL A 336 4.66 12.45 -29.66
C VAL A 336 5.63 12.27 -28.50
N THR A 337 6.00 13.37 -27.84
CA THR A 337 6.86 13.29 -26.65
C THR A 337 6.03 12.78 -25.47
N ARG A 338 6.62 11.88 -24.68
CA ARG A 338 6.00 11.34 -23.49
C ARG A 338 6.90 11.60 -22.27
N LYS A 339 6.37 12.38 -21.33
CA LYS A 339 7.00 12.70 -20.06
C LYS A 339 6.25 11.99 -18.95
N LEU A 340 6.77 10.86 -18.47
CA LEU A 340 6.00 10.01 -17.56
C LEU A 340 5.95 10.64 -16.16
N GLY A 341 6.92 11.51 -15.84
CA GLY A 341 6.96 12.17 -14.55
C GLY A 341 8.40 12.49 -14.14
N GLU A 342 8.53 13.36 -13.15
CA GLU A 342 9.83 13.78 -12.67
C GLU A 342 10.64 12.55 -12.23
N GLY A 343 11.86 12.43 -12.75
CA GLY A 343 12.74 11.31 -12.45
C GLY A 343 12.95 10.42 -13.67
N PHE A 344 11.98 10.42 -14.58
CA PHE A 344 12.06 9.65 -15.84
C PHE A 344 12.54 10.57 -16.95
N LYS A 345 13.49 10.10 -17.76
CA LYS A 345 13.88 10.86 -18.97
C LYS A 345 12.67 10.93 -19.90
N SER A 346 12.50 12.06 -20.60
CA SER A 346 11.45 12.21 -21.59
CA SER A 346 11.46 12.23 -21.60
C SER A 346 11.70 11.23 -22.73
N LEU A 347 10.62 10.64 -23.26
CA LEU A 347 10.71 9.80 -24.44
C LEU A 347 10.48 10.70 -25.67
N GLU A 348 11.48 10.78 -26.55
CA GLU A 348 11.36 11.59 -27.74
C GLU A 348 10.49 10.85 -28.75
N PRO A 349 9.80 11.56 -29.68
CA PRO A 349 8.96 10.91 -30.68
C PRO A 349 9.67 9.74 -31.37
N GLY A 350 8.96 8.64 -31.60
CA GLY A 350 9.49 7.47 -32.25
C GLY A 350 9.68 6.28 -31.31
N TRP A 351 9.29 6.43 -30.05
CA TRP A 351 9.38 5.36 -29.05
C TRP A 351 8.33 4.29 -29.36
N TYR A 352 8.61 3.05 -28.93
CA TYR A 352 7.69 1.95 -29.01
C TYR A 352 7.08 1.67 -27.64
N SER A 353 5.89 1.08 -27.64
CA SER A 353 5.19 0.67 -26.42
C SER A 353 4.88 -0.82 -26.49
N ALA A 354 5.19 -1.54 -25.42
CA ALA A 354 4.80 -2.95 -25.32
C ALA A 354 3.27 -3.10 -25.43
N MET A 355 2.54 -2.11 -24.94
CA MET A 355 1.09 -2.16 -24.98
C MET A 355 0.61 -1.96 -26.41
N ALA A 356 1.24 -1.05 -27.16
CA ALA A 356 0.92 -0.87 -28.58
C ALA A 356 1.23 -2.17 -29.35
N GLN A 357 2.41 -2.75 -29.12
CA GLN A 357 2.79 -3.96 -29.85
C GLN A 357 1.76 -5.07 -29.58
N GLY A 358 1.41 -5.25 -28.29
CA GLY A 358 0.47 -6.31 -27.85
C GLY A 358 -0.94 -6.12 -28.41
N GLN A 359 -1.48 -4.91 -28.28
CA GLN A 359 -2.82 -4.61 -28.73
C GLN A 359 -2.87 -4.71 -30.27
N ALA A 360 -1.82 -4.24 -30.95
CA ALA A 360 -1.70 -4.36 -32.40
C ALA A 360 -1.74 -5.85 -32.79
N ILE A 361 -0.97 -6.67 -32.09
CA ILE A 361 -0.90 -8.10 -32.40
C ILE A 361 -2.28 -8.72 -32.24
N SER A 362 -2.99 -8.36 -31.15
CA SER A 362 -4.32 -8.89 -30.88
C SER A 362 -5.29 -8.53 -32.02
N THR A 363 -5.16 -7.32 -32.58
CA THR A 363 -5.97 -6.86 -33.70
C THR A 363 -5.61 -7.66 -34.96
N LEU A 364 -4.32 -7.72 -35.27
CA LEU A 364 -3.82 -8.34 -36.49
C LEU A 364 -4.14 -9.84 -36.50
N VAL A 365 -4.03 -10.49 -35.34
CA VAL A 365 -4.31 -11.90 -35.25
C VAL A 365 -5.79 -12.16 -35.61
N ARG A 366 -6.69 -11.31 -35.08
CA ARG A 366 -8.10 -11.45 -35.37
C ARG A 366 -8.35 -11.20 -36.87
N ALA A 367 -7.67 -10.21 -37.46
CA ALA A 367 -7.82 -9.92 -38.89
C ALA A 367 -7.39 -11.14 -39.72
N TYR A 368 -6.29 -11.77 -39.31
CA TYR A 368 -5.80 -12.98 -39.96
C TYR A 368 -6.84 -14.11 -39.86
N LEU A 369 -7.38 -14.34 -38.65
CA LEU A 369 -8.26 -15.49 -38.45
C LEU A 369 -9.56 -15.31 -39.26
N LEU A 370 -10.00 -14.06 -39.47
CA LEU A 370 -11.20 -13.79 -40.28
C LEU A 370 -10.94 -13.99 -41.78
N THR A 371 -9.79 -13.55 -42.28
CA THR A 371 -9.57 -13.42 -43.70
C THR A 371 -8.69 -14.56 -44.24
N LYS A 372 -7.89 -15.19 -43.38
CA LYS A 372 -6.76 -16.07 -43.79
C LYS A 372 -5.78 -15.32 -44.71
N ASP A 373 -5.75 -13.99 -44.62
CA ASP A 373 -4.81 -13.19 -45.37
C ASP A 373 -3.51 -13.11 -44.55
N HIS A 374 -2.47 -13.77 -45.06
CA HIS A 374 -1.21 -13.93 -44.36
C HIS A 374 -0.48 -12.61 -44.15
N ILE A 375 -0.85 -11.56 -44.89
CA ILE A 375 -0.26 -10.23 -44.67
C ILE A 375 -0.46 -9.82 -43.20
N PHE A 376 -1.65 -10.11 -42.63
CA PHE A 376 -1.94 -9.75 -41.25
C PHE A 376 -1.07 -10.57 -40.28
N LEU A 377 -0.95 -11.88 -40.53
CA LEU A 377 -0.18 -12.74 -39.63
C LEU A 377 1.31 -12.35 -39.66
N ASN A 378 1.80 -12.01 -40.85
CA ASN A 378 3.20 -11.61 -41.04
C ASN A 378 3.51 -10.35 -40.22
N SER A 379 2.59 -9.39 -40.23
CA SER A 379 2.72 -8.14 -39.49
C SER A 379 2.76 -8.43 -37.98
N ALA A 380 1.90 -9.36 -37.54
CA ALA A 380 1.84 -9.79 -36.14
C ALA A 380 3.17 -10.41 -35.72
N LEU A 381 3.70 -11.31 -36.57
CA LEU A 381 4.95 -12.00 -36.29
C LEU A 381 6.11 -10.99 -36.19
N ARG A 382 6.12 -9.98 -37.05
CA ARG A 382 7.19 -8.97 -37.05
C ARG A 382 7.15 -8.15 -35.75
N ALA A 383 5.95 -8.04 -35.13
CA ALA A 383 5.70 -7.13 -34.03
C ALA A 383 6.30 -7.62 -32.72
N THR A 384 6.81 -8.86 -32.67
CA THR A 384 7.43 -9.35 -31.43
C THR A 384 8.87 -8.85 -31.30
N ALA A 385 9.47 -8.33 -32.39
CA ALA A 385 10.91 -8.02 -32.39
C ALA A 385 11.27 -7.00 -31.29
N PRO A 386 10.52 -5.90 -31.08
CA PRO A 386 10.84 -4.95 -30.02
C PRO A 386 10.84 -5.49 -28.58
N TYR A 387 10.15 -6.61 -28.34
CA TYR A 387 10.14 -7.24 -27.02
C TYR A 387 11.51 -7.83 -26.69
N LYS A 388 12.38 -8.04 -27.70
CA LYS A 388 13.67 -8.69 -27.48
C LYS A 388 14.78 -7.69 -27.12
N PHE A 389 14.53 -6.39 -27.29
CA PHE A 389 15.58 -5.37 -27.12
C PHE A 389 15.21 -4.46 -25.94
N LEU A 390 16.23 -4.09 -25.17
CA LEU A 390 16.09 -3.20 -24.05
C LEU A 390 15.63 -1.84 -24.57
N SER A 391 15.00 -1.09 -23.66
CA SER A 391 14.49 0.24 -23.93
C SER A 391 15.58 1.12 -24.54
N GLU A 392 16.79 1.05 -24.00
CA GLU A 392 17.93 1.88 -24.44
C GLU A 392 18.40 1.47 -25.85
N GLN A 393 18.10 0.24 -26.29
CA GLN A 393 18.40 -0.23 -27.65
C GLN A 393 17.19 -0.02 -28.58
N HIS A 394 16.30 0.92 -28.23
CA HIS A 394 15.05 1.23 -28.94
C HIS A 394 14.11 0.01 -29.03
N GLY A 395 14.07 -0.78 -27.95
CA GLY A 395 13.08 -1.79 -27.77
C GLY A 395 12.12 -1.44 -26.63
N VAL A 396 11.59 -2.49 -26.00
CA VAL A 396 10.51 -2.36 -25.06
C VAL A 396 10.80 -3.20 -23.79
N LYS A 397 11.94 -3.88 -23.78
CA LYS A 397 12.27 -4.81 -22.71
C LYS A 397 12.88 -4.06 -21.53
N ALA A 398 12.42 -4.38 -20.32
CA ALA A 398 13.10 -4.00 -19.09
C ALA A 398 13.34 -5.27 -18.26
N VAL A 399 14.28 -5.19 -17.33
CA VAL A 399 14.62 -6.27 -16.46
C VAL A 399 14.56 -5.73 -15.02
N PHE A 400 13.66 -6.31 -14.22
CA PHE A 400 13.49 -5.94 -12.83
C PHE A 400 14.57 -6.63 -11.98
N MET A 401 15.45 -5.81 -11.40
CA MET A 401 16.49 -6.24 -10.46
CA MET A 401 16.47 -6.27 -10.44
C MET A 401 17.29 -7.42 -11.03
N ASN A 402 17.66 -7.32 -12.31
CA ASN A 402 18.52 -8.28 -12.97
C ASN A 402 17.94 -9.70 -12.92
N LYS A 403 16.62 -9.84 -12.75
CA LYS A 403 16.03 -11.15 -12.59
C LYS A 403 14.84 -11.38 -13.53
N HIS A 404 13.89 -10.43 -13.61
CA HIS A 404 12.62 -10.65 -14.26
C HIS A 404 12.47 -9.78 -15.52
N ASP A 405 12.31 -10.43 -16.68
CA ASP A 405 11.98 -9.73 -17.91
C ASP A 405 10.58 -9.14 -17.81
N TRP A 406 10.45 -7.94 -18.39
CA TRP A 406 9.26 -7.15 -18.39
C TRP A 406 9.15 -6.43 -19.74
N TYR A 407 7.92 -6.19 -20.19
CA TYR A 407 7.65 -5.49 -21.45
C TYR A 407 6.94 -4.17 -21.10
N GLU A 408 7.63 -3.08 -21.41
CA GLU A 408 7.33 -1.75 -20.93
C GLU A 408 6.26 -1.09 -21.80
N GLU A 409 5.15 -0.67 -21.17
CA GLU A 409 4.22 0.27 -21.74
C GLU A 409 4.94 1.56 -22.12
N TYR A 410 5.79 2.05 -21.20
CA TYR A 410 6.59 3.25 -21.42
C TYR A 410 8.05 2.86 -21.20
N PRO A 411 8.87 2.74 -22.28
CA PRO A 411 10.23 2.22 -22.16
C PRO A 411 11.18 3.31 -21.65
N THR A 412 11.00 3.67 -20.38
CA THR A 412 11.66 4.79 -19.78
C THR A 412 13.03 4.37 -19.23
N THR A 413 13.82 5.39 -18.90
CA THR A 413 15.00 5.29 -18.06
C THR A 413 14.82 6.25 -16.88
N PRO A 414 14.84 5.73 -15.65
CA PRO A 414 14.84 4.30 -15.37
C PRO A 414 13.51 3.65 -15.78
N SER A 415 13.47 2.32 -15.72
CA SER A 415 12.33 1.54 -16.07
C SER A 415 11.15 1.90 -15.16
N SER A 416 9.92 1.76 -15.67
CA SER A 416 8.70 2.21 -14.98
C SER A 416 7.82 1.04 -14.51
N PHE A 417 7.80 -0.06 -15.27
CA PHE A 417 7.06 -1.31 -14.89
C PHE A 417 5.56 -1.01 -14.67
N VAL A 418 4.90 -0.40 -15.66
CA VAL A 418 3.46 -0.19 -15.63
C VAL A 418 2.77 -1.54 -15.79
N LEU A 419 1.89 -1.87 -14.84
CA LEU A 419 1.30 -3.20 -14.79
C LEU A 419 0.34 -3.44 -15.97
N ASN A 420 -0.59 -2.52 -16.24
CA ASN A 420 -1.69 -2.84 -17.16
C ASN A 420 -1.16 -3.01 -18.59
N GLY A 421 -0.22 -2.17 -19.01
CA GLY A 421 0.43 -2.28 -20.33
C GLY A 421 1.15 -3.59 -20.51
N PHE A 422 1.79 -4.07 -19.43
CA PHE A 422 2.52 -5.32 -19.46
C PHE A 422 1.54 -6.47 -19.73
N MET A 423 0.40 -6.46 -19.05
CA MET A 423 -0.52 -7.57 -19.19
C MET A 423 -1.13 -7.55 -20.61
N TYR A 424 -1.35 -6.36 -21.19
CA TYR A 424 -1.83 -6.29 -22.56
C TYR A 424 -0.74 -6.82 -23.53
N SER A 425 0.53 -6.57 -23.20
CA SER A 425 1.64 -7.06 -24.03
C SER A 425 1.66 -8.58 -24.03
N LEU A 426 1.28 -9.20 -22.90
CA LEU A 426 1.30 -10.68 -22.76
C LEU A 426 0.11 -11.29 -23.53
N ILE A 427 -1.06 -10.63 -23.48
CA ILE A 427 -2.26 -11.15 -24.14
C ILE A 427 -2.01 -11.17 -25.67
N GLY A 428 -1.34 -10.14 -26.18
CA GLY A 428 -0.90 -10.13 -27.57
C GLY A 428 -0.02 -11.34 -27.90
N LEU A 429 1.03 -11.57 -27.11
CA LEU A 429 1.92 -12.69 -27.34
C LEU A 429 1.11 -14.00 -27.32
N TYR A 430 0.16 -14.11 -26.39
CA TYR A 430 -0.67 -15.29 -26.29
C TYR A 430 -1.47 -15.50 -27.59
N ASP A 431 -2.15 -14.44 -28.05
CA ASP A 431 -2.94 -14.48 -29.28
C ASP A 431 -2.09 -15.01 -30.44
N LEU A 432 -0.86 -14.50 -30.55
CA LEU A 432 0.05 -14.84 -31.64
C LEU A 432 0.53 -16.29 -31.52
N LYS A 433 1.02 -16.69 -30.33
CA LYS A 433 1.62 -18.01 -30.20
C LYS A 433 0.56 -19.08 -30.47
N GLU A 434 -0.68 -18.81 -30.10
CA GLU A 434 -1.80 -19.76 -30.30
C GLU A 434 -2.23 -19.83 -31.76
N THR A 435 -1.94 -18.79 -32.55
CA THR A 435 -2.44 -18.68 -33.91
C THR A 435 -1.36 -19.07 -34.93
N ALA A 436 -0.09 -18.74 -34.65
CA ALA A 436 1.01 -18.90 -35.60
C ALA A 436 1.46 -20.37 -35.72
N GLY A 437 1.08 -21.23 -34.77
CA GLY A 437 1.51 -22.62 -34.77
C GLY A 437 2.86 -22.77 -34.13
N GLU A 438 3.33 -24.01 -34.02
CA GLU A 438 4.47 -24.37 -33.18
C GLU A 438 5.75 -23.71 -33.69
N LYS A 439 6.00 -23.78 -35.01
CA LYS A 439 7.27 -23.33 -35.57
C LYS A 439 7.34 -21.79 -35.59
N LEU A 440 6.36 -21.16 -36.22
CA LEU A 440 6.33 -19.71 -36.40
C LEU A 440 6.12 -19.00 -35.04
N GLY A 441 5.40 -19.64 -34.11
CA GLY A 441 5.00 -19.05 -32.84
C GLY A 441 6.03 -19.20 -31.73
N LYS A 442 7.21 -19.75 -32.06
CA LYS A 442 8.24 -20.08 -31.07
C LYS A 442 8.70 -18.84 -30.30
N GLU A 443 9.01 -17.75 -31.01
CA GLU A 443 9.51 -16.53 -30.36
C GLU A 443 8.43 -15.95 -29.43
N ALA A 444 7.18 -15.92 -29.91
CA ALA A 444 6.07 -15.40 -29.13
C ALA A 444 5.89 -16.25 -27.85
N ARG A 445 6.00 -17.57 -27.99
CA ARG A 445 5.81 -18.52 -26.90
C ARG A 445 6.88 -18.27 -25.82
N SER A 446 8.12 -18.12 -26.26
CA SER A 446 9.25 -17.89 -25.38
C SER A 446 9.08 -16.56 -24.62
N LEU A 447 8.70 -15.50 -25.32
CA LEU A 447 8.50 -14.18 -24.72
C LEU A 447 7.33 -14.22 -23.72
N TYR A 448 6.26 -14.95 -24.08
CA TYR A 448 5.08 -15.07 -23.22
C TYR A 448 5.43 -15.81 -21.93
N GLU A 449 6.13 -16.93 -22.05
CA GLU A 449 6.47 -17.78 -20.90
C GLU A 449 7.34 -17.01 -19.90
N ARG A 450 8.37 -16.32 -20.40
CA ARG A 450 9.26 -15.53 -19.57
CA ARG A 450 9.26 -15.54 -19.56
C ARG A 450 8.47 -14.41 -18.88
N GLY A 451 7.63 -13.72 -19.66
CA GLY A 451 6.79 -12.63 -19.18
C GLY A 451 5.83 -13.06 -18.08
N MET A 452 5.21 -14.23 -18.27
CA MET A 452 4.22 -14.76 -17.33
C MET A 452 4.88 -15.15 -16.00
N GLU A 453 6.09 -15.70 -16.08
CA GLU A 453 6.90 -15.99 -14.89
C GLU A 453 7.13 -14.70 -14.08
N SER A 454 7.50 -13.62 -14.77
CA SER A 454 7.75 -12.31 -14.16
C SER A 454 6.48 -11.78 -13.49
N LEU A 455 5.35 -11.90 -14.20
CA LEU A 455 4.08 -11.38 -13.72
C LEU A 455 3.72 -12.05 -12.40
N LYS A 456 3.81 -13.39 -12.34
CA LYS A 456 3.47 -14.14 -11.15
C LYS A 456 4.35 -13.68 -9.98
N ALA A 457 5.65 -13.47 -10.23
CA ALA A 457 6.59 -13.12 -9.17
C ALA A 457 6.35 -11.70 -8.64
N MET A 458 5.99 -10.77 -9.54
CA MET A 458 6.00 -9.33 -9.25
C MET A 458 4.62 -8.76 -8.87
N LEU A 459 3.55 -9.52 -9.12
CA LEU A 459 2.16 -9.08 -8.81
C LEU A 459 2.05 -8.50 -7.39
N PRO A 460 2.62 -9.14 -6.34
CA PRO A 460 2.43 -8.63 -4.98
C PRO A 460 2.97 -7.20 -4.77
N LEU A 461 3.94 -6.78 -5.58
CA LEU A 461 4.49 -5.42 -5.45
C LEU A 461 3.45 -4.37 -5.83
N TYR A 462 2.37 -4.77 -6.50
CA TYR A 462 1.38 -3.80 -6.96
C TYR A 462 0.19 -3.75 -5.99
N ASP A 463 0.19 -4.55 -4.93
CA ASP A 463 -0.92 -4.70 -4.01
C ASP A 463 -0.65 -3.86 -2.77
N THR A 464 -1.51 -2.86 -2.50
CA THR A 464 -1.34 -1.95 -1.35
C THR A 464 -2.04 -2.47 -0.09
N GLY A 465 -2.88 -3.50 -0.25
CA GLY A 465 -3.73 -3.96 0.84
C GLY A 465 -5.13 -3.37 0.79
N SER A 466 -5.35 -2.36 -0.06
CA SER A 466 -6.70 -1.76 -0.22
C SER A 466 -6.91 -1.22 -1.64
N GLY A 467 -6.11 -1.70 -2.59
CA GLY A 467 -6.08 -1.20 -3.96
C GLY A 467 -4.82 -1.67 -4.65
N THR A 468 -4.54 -1.08 -5.82
CA THR A 468 -3.33 -1.40 -6.54
C THR A 468 -2.57 -0.12 -6.87
N ILE A 469 -1.29 -0.32 -7.19
CA ILE A 469 -0.42 0.73 -7.69
C ILE A 469 -0.33 0.59 -9.21
N TYR A 470 -0.17 1.70 -9.92
CA TYR A 470 -0.17 1.72 -11.38
C TYR A 470 1.15 1.19 -11.96
N ASP A 471 2.25 1.47 -11.26
CA ASP A 471 3.61 1.25 -11.73
C ASP A 471 4.55 1.14 -10.52
N LEU A 472 5.85 0.95 -10.75
CA LEU A 472 6.80 0.76 -9.65
C LEU A 472 7.70 2.00 -9.52
N ARG A 473 7.21 3.17 -9.90
CA ARG A 473 8.03 4.39 -9.84
C ARG A 473 8.47 4.70 -8.40
N HIS A 474 7.64 4.34 -7.41
CA HIS A 474 7.98 4.59 -6.00
C HIS A 474 9.34 3.94 -5.66
N PHE A 475 9.54 2.70 -6.12
CA PHE A 475 10.74 1.94 -5.89
C PHE A 475 11.86 2.38 -6.83
N MET A 476 11.54 2.62 -8.10
CA MET A 476 12.56 2.96 -9.09
C MET A 476 13.12 4.37 -8.83
N LEU A 477 12.31 5.29 -8.28
CA LEU A 477 12.75 6.71 -8.09
C LEU A 477 12.85 7.11 -6.61
N GLY A 478 12.34 6.30 -5.68
CA GLY A 478 12.41 6.63 -4.25
C GLY A 478 11.38 7.67 -3.83
N ILE A 479 10.14 7.50 -4.28
CA ILE A 479 9.06 8.49 -4.04
C ILE A 479 7.78 7.78 -3.57
N ALA A 480 6.70 8.54 -3.43
CA ALA A 480 5.39 8.02 -3.03
C ALA A 480 4.86 7.05 -4.08
N PRO A 481 4.07 6.03 -3.67
CA PRO A 481 3.38 5.15 -4.62
C PRO A 481 2.44 5.93 -5.54
N ASN A 482 2.43 5.57 -6.84
CA ASN A 482 1.52 6.10 -7.83
C ASN A 482 0.26 5.22 -7.85
N LEU A 483 -0.70 5.51 -6.96
CA LEU A 483 -1.84 4.65 -6.75
C LEU A 483 -2.70 4.62 -8.03
N ALA A 484 -3.19 3.43 -8.37
CA ALA A 484 -4.05 3.27 -9.53
C ALA A 484 -5.46 3.77 -9.19
N ARG A 485 -6.00 4.67 -10.03
CA ARG A 485 -7.42 5.05 -9.99
C ARG A 485 -8.27 3.78 -10.04
N TRP A 486 -9.51 3.86 -9.56
CA TRP A 486 -10.39 2.69 -9.54
C TRP A 486 -10.58 2.06 -10.93
N ASP A 487 -10.65 2.87 -11.99
CA ASP A 487 -10.85 2.33 -13.35
C ASP A 487 -9.59 1.58 -13.81
N PHE A 488 -8.39 1.96 -13.35
CA PHE A 488 -7.20 1.12 -13.62
C PHE A 488 -7.21 -0.14 -12.75
N HIS A 489 -7.70 -0.02 -11.50
CA HIS A 489 -7.81 -1.20 -10.61
C HIS A 489 -8.73 -2.25 -11.24
N THR A 490 -9.88 -1.83 -11.79
CA THR A 490 -10.81 -2.79 -12.46
C THR A 490 -10.19 -3.32 -13.77
N THR A 491 -9.40 -2.50 -14.47
CA THR A 491 -8.63 -2.98 -15.62
C THR A 491 -7.70 -4.10 -15.18
N HIS A 492 -6.96 -3.87 -14.08
CA HIS A 492 -6.06 -4.90 -13.54
C HIS A 492 -6.83 -6.19 -13.29
N ILE A 493 -8.00 -6.08 -12.65
CA ILE A 493 -8.82 -7.27 -12.34
C ILE A 493 -9.28 -7.95 -13.64
N ASN A 494 -9.77 -7.16 -14.61
CA ASN A 494 -10.27 -7.72 -15.86
C ASN A 494 -9.16 -8.51 -16.58
N GLN A 495 -7.93 -7.98 -16.54
CA GLN A 495 -6.77 -8.61 -17.17
C GLN A 495 -6.40 -9.92 -16.47
N LEU A 496 -6.36 -9.92 -15.13
CA LEU A 496 -5.98 -11.11 -14.36
CA LEU A 496 -5.98 -11.11 -14.36
C LEU A 496 -7.03 -12.22 -14.52
N GLN A 497 -8.29 -11.79 -14.55
CA GLN A 497 -9.44 -12.65 -14.76
C GLN A 497 -9.32 -13.35 -16.14
N LEU A 498 -8.98 -12.58 -17.18
CA LEU A 498 -8.74 -13.12 -18.51
C LEU A 498 -7.58 -14.14 -18.45
N LEU A 499 -6.45 -13.75 -17.84
CA LEU A 499 -5.28 -14.64 -17.76
C LEU A 499 -5.62 -15.90 -16.99
N SER A 500 -6.48 -15.80 -15.98
CA SER A 500 -6.84 -16.96 -15.15
C SER A 500 -7.62 -18.01 -15.97
N THR A 501 -8.12 -17.65 -17.16
CA THR A 501 -8.86 -18.64 -18.01
C THR A 501 -7.93 -19.32 -19.03
N ILE A 502 -6.69 -18.86 -19.18
CA ILE A 502 -5.73 -19.45 -20.13
C ILE A 502 -4.48 -19.95 -19.40
N ASP A 503 -4.37 -19.69 -18.09
CA ASP A 503 -3.26 -20.16 -17.25
C ASP A 503 -3.86 -20.53 -15.88
N GLU A 504 -3.60 -21.75 -15.45
CA GLU A 504 -4.26 -22.34 -14.27
C GLU A 504 -3.55 -21.98 -12.95
N SER A 505 -2.52 -21.13 -12.98
CA SER A 505 -1.80 -20.76 -11.74
C SER A 505 -2.80 -20.25 -10.70
N PRO A 506 -2.79 -20.83 -9.47
CA PRO A 506 -3.61 -20.32 -8.37
C PRO A 506 -3.42 -18.83 -8.04
N VAL A 507 -2.21 -18.30 -8.24
CA VAL A 507 -1.91 -16.92 -7.86
C VAL A 507 -2.89 -15.96 -8.55
N PHE A 508 -3.27 -16.24 -9.80
CA PHE A 508 -4.14 -15.34 -10.54
C PHE A 508 -5.54 -15.32 -9.93
N LYS A 509 -6.05 -16.50 -9.56
CA LYS A 509 -7.38 -16.62 -8.97
C LYS A 509 -7.42 -15.95 -7.60
N GLU A 510 -6.37 -16.15 -6.78
CA GLU A 510 -6.27 -15.57 -5.43
C GLU A 510 -6.23 -14.03 -5.53
N PHE A 511 -5.42 -13.50 -6.45
CA PHE A 511 -5.30 -12.06 -6.59
C PHE A 511 -6.61 -11.46 -7.13
N VAL A 512 -7.25 -12.11 -8.10
CA VAL A 512 -8.51 -11.62 -8.64
C VAL A 512 -9.52 -11.45 -7.48
N LYS A 513 -9.63 -12.49 -6.66
CA LYS A 513 -10.56 -12.51 -5.56
C LYS A 513 -10.27 -11.36 -4.58
N ARG A 514 -9.00 -11.19 -4.18
CA ARG A 514 -8.68 -10.17 -3.17
C ARG A 514 -8.90 -8.79 -3.77
N TRP A 515 -8.46 -8.60 -5.04
CA TRP A 515 -8.55 -7.27 -5.67
C TRP A 515 -10.02 -6.86 -5.90
N LYS A 516 -10.89 -7.83 -6.21
CA LYS A 516 -12.33 -7.58 -6.24
C LYS A 516 -12.86 -7.13 -4.88
N SER A 517 -12.44 -7.77 -3.79
CA SER A 517 -12.92 -7.40 -2.46
C SER A 517 -12.59 -5.94 -2.15
N TYR A 518 -11.47 -5.42 -2.65
CA TYR A 518 -11.07 -4.01 -2.39
C TYR A 518 -12.12 -3.02 -2.92
N LEU A 519 -12.82 -3.40 -4.00
CA LEU A 519 -13.86 -2.54 -4.62
C LEU A 519 -15.03 -2.33 -3.65
N LYS A 520 -15.21 -3.24 -2.69
CA LYS A 520 -16.29 -3.19 -1.71
C LYS A 520 -15.76 -2.84 -0.31
N GLY A 521 -14.55 -2.27 -0.23
CA GLY A 521 -14.04 -1.71 1.00
C GLY A 521 -13.32 -2.71 1.89
N SER A 522 -13.15 -3.98 1.46
CA SER A 522 -12.30 -4.91 2.20
C SER A 522 -10.84 -4.47 2.13
N ARG A 523 -10.07 -4.87 3.15
CA ARG A 523 -8.67 -4.54 3.30
CA ARG A 523 -8.66 -4.55 3.30
C ARG A 523 -7.93 -5.82 3.73
N ALA A 524 -6.67 -5.94 3.30
CA ALA A 524 -5.79 -6.95 3.89
C ALA A 524 -5.75 -6.71 5.40
N LYS A 525 -5.60 -7.75 6.20
CA LYS A 525 -5.54 -7.62 7.65
C LYS A 525 -4.22 -6.96 8.06
N HIS A 526 -4.29 -6.13 9.10
CA HIS A 526 -3.09 -5.64 9.77
C HIS A 526 -2.72 -6.65 10.86
N ASN A 527 -1.48 -6.53 11.35
CA ASN A 527 -0.93 -7.44 12.33
C ASN A 527 -1.34 -6.96 13.73
N LEU B 12 -38.58 20.97 6.23
CA LEU B 12 -37.46 20.00 5.97
C LEU B 12 -37.33 19.06 7.18
N LYS B 13 -37.78 17.82 7.02
CA LYS B 13 -37.87 16.85 8.11
C LYS B 13 -36.54 16.08 8.22
N TYR B 14 -36.12 15.84 9.46
CA TYR B 14 -35.06 14.93 9.79
C TYR B 14 -35.65 13.54 10.04
N GLU B 15 -35.27 12.55 9.23
CA GLU B 15 -35.94 11.25 9.21
C GLU B 15 -34.96 10.13 8.86
N GLU B 16 -35.41 8.90 9.14
CA GLU B 16 -34.70 7.69 8.85
C GLU B 16 -34.63 7.53 7.34
N ILE B 17 -33.49 7.09 6.82
CA ILE B 17 -33.41 6.64 5.43
C ILE B 17 -32.54 5.37 5.38
N ASP B 18 -32.95 4.44 4.52
CA ASP B 18 -32.19 3.24 4.19
C ASP B 18 -30.96 3.62 3.37
N CYS B 19 -29.81 3.05 3.79
CA CYS B 19 -28.53 3.27 3.17
C CYS B 19 -27.94 1.92 2.73
N LEU B 20 -27.96 1.66 1.41
CA LEU B 20 -27.40 0.45 0.80
C LEU B 20 -25.88 0.63 0.66
N ILE B 21 -25.11 -0.33 1.18
CA ILE B 21 -23.67 -0.30 1.20
C ILE B 21 -23.15 -1.30 0.16
N ASN B 22 -22.56 -0.78 -0.93
CA ASN B 22 -21.92 -1.62 -1.97
C ASN B 22 -22.87 -2.71 -2.49
N ASP B 23 -24.16 -2.40 -2.60
CA ASP B 23 -25.20 -3.31 -3.12
C ASP B 23 -25.30 -4.61 -2.32
N GLU B 24 -24.81 -4.64 -1.08
CA GLU B 24 -24.66 -5.88 -0.30
C GLU B 24 -25.47 -5.89 1.00
N HIS B 25 -25.59 -4.74 1.69
CA HIS B 25 -26.20 -4.67 3.02
C HIS B 25 -26.82 -3.27 3.20
N THR B 26 -27.92 -3.20 3.93
CA THR B 26 -28.56 -1.92 4.20
C THR B 26 -28.36 -1.57 5.68
N ILE B 27 -27.98 -0.32 5.94
CA ILE B 27 -27.95 0.21 7.27
C ILE B 27 -28.99 1.32 7.37
N LYS B 28 -29.24 1.78 8.59
CA LYS B 28 -30.20 2.84 8.88
C LYS B 28 -29.44 4.17 9.05
N GLY B 29 -29.64 5.10 8.12
CA GLY B 29 -29.08 6.44 8.23
C GLY B 29 -30.16 7.45 8.57
N ARG B 30 -29.84 8.73 8.37
CA ARG B 30 -30.76 9.84 8.58
C ARG B 30 -30.62 10.83 7.42
N ARG B 31 -31.73 11.48 7.10
CA ARG B 31 -31.80 12.42 6.01
C ARG B 31 -32.43 13.74 6.51
N GLU B 32 -31.81 14.86 6.13
CA GLU B 32 -32.37 16.20 6.30
C GLU B 32 -32.18 16.92 4.96
N GLY B 33 -33.27 17.14 4.24
CA GLY B 33 -33.23 17.67 2.89
C GLY B 33 -32.41 16.77 2.00
N ASN B 34 -31.36 17.33 1.40
CA ASN B 34 -30.46 16.59 0.52
C ASN B 34 -29.33 15.94 1.31
N GLU B 35 -29.12 16.37 2.56
CA GLU B 35 -28.01 15.89 3.38
C GLU B 35 -28.39 14.55 4.03
N VAL B 36 -27.51 13.57 3.85
CA VAL B 36 -27.59 12.27 4.47
C VAL B 36 -26.52 12.17 5.57
N PHE B 37 -26.89 11.58 6.70
CA PHE B 37 -26.02 11.36 7.85
C PHE B 37 -25.91 9.85 8.08
N LEU B 38 -24.69 9.34 8.30
CA LEU B 38 -24.43 7.92 8.46
C LEU B 38 -24.00 7.65 9.90
N PRO B 39 -24.42 6.53 10.51
CA PRO B 39 -24.07 6.20 11.89
C PRO B 39 -22.57 5.89 12.04
N PHE B 40 -21.95 6.48 13.06
CA PHE B 40 -20.56 6.28 13.29
C PHE B 40 -20.26 4.81 13.60
N THR B 41 -21.25 4.12 14.18
CA THR B 41 -21.16 2.67 14.40
C THR B 41 -20.71 1.96 13.11
N TRP B 42 -21.28 2.37 11.98
CA TRP B 42 -20.91 1.80 10.70
C TRP B 42 -19.55 2.36 10.23
N VAL B 43 -19.39 3.69 10.27
CA VAL B 43 -18.18 4.36 9.79
C VAL B 43 -16.95 3.71 10.43
N GLU B 44 -17.00 3.59 11.75
CA GLU B 44 -15.93 3.05 12.59
C GLU B 44 -15.48 1.67 12.07
N LYS B 45 -16.44 0.77 11.88
CA LYS B 45 -16.15 -0.61 11.51
C LYS B 45 -15.72 -0.68 10.02
N TYR B 46 -16.41 0.06 9.16
CA TYR B 46 -16.22 -0.09 7.72
C TYR B 46 -14.86 0.48 7.30
N PHE B 47 -14.47 1.63 7.87
CA PHE B 47 -13.22 2.27 7.51
C PHE B 47 -12.12 1.95 8.52
N ASP B 48 -12.46 1.27 9.62
CA ASP B 48 -11.53 0.92 10.71
C ASP B 48 -10.84 2.19 11.26
N VAL B 49 -11.66 3.07 11.86
CA VAL B 49 -11.20 4.34 12.41
C VAL B 49 -11.73 4.42 13.84
N TYR B 50 -11.51 5.56 14.51
CA TYR B 50 -11.72 5.67 15.98
C TYR B 50 -12.48 6.96 16.29
N GLY B 51 -13.29 6.91 17.35
CA GLY B 51 -13.99 8.07 17.81
C GLY B 51 -14.73 7.81 19.10
N LYS B 52 -15.03 8.87 19.84
CA LYS B 52 -15.86 8.78 21.02
C LYS B 52 -16.35 10.17 21.41
N VAL B 53 -17.46 10.18 22.14
CA VAL B 53 -18.00 11.36 22.75
C VAL B 53 -17.20 11.59 24.03
N VAL B 54 -16.62 12.80 24.14
CA VAL B 54 -15.86 13.22 25.29
C VAL B 54 -16.70 14.26 26.03
N GLN B 55 -16.80 14.08 27.35
CA GLN B 55 -17.62 14.90 28.21
C GLN B 55 -16.73 15.96 28.87
N TYR B 56 -16.98 17.23 28.50
CA TYR B 56 -16.41 18.39 29.16
C TYR B 56 -17.48 19.00 30.07
N ASP B 57 -17.08 19.97 30.90
CA ASP B 57 -17.98 20.60 31.85
C ASP B 57 -19.03 21.42 31.08
N GLY B 58 -20.27 20.89 30.99
CA GLY B 58 -21.40 21.54 30.32
C GLY B 58 -21.37 21.41 28.80
N TYR B 59 -20.60 20.47 28.26
CA TYR B 59 -20.32 20.41 26.82
C TYR B 59 -19.87 18.99 26.44
N ASP B 60 -20.62 18.35 25.53
CA ASP B 60 -20.21 17.09 24.91
C ASP B 60 -19.66 17.37 23.51
N ARG B 61 -18.57 16.67 23.15
CA ARG B 61 -17.98 16.75 21.82
C ARG B 61 -17.56 15.36 21.32
N PHE B 62 -17.97 15.01 20.09
CA PHE B 62 -17.49 13.80 19.44
C PHE B 62 -16.09 14.09 18.89
N GLU B 63 -15.15 13.19 19.16
CA GLU B 63 -13.77 13.37 18.77
C GLU B 63 -13.35 12.16 17.93
N PHE B 64 -13.03 12.45 16.67
CA PHE B 64 -12.69 11.46 15.66
C PHE B 64 -11.18 11.42 15.46
N SER B 65 -10.63 10.20 15.34
CA SER B 65 -9.22 9.98 15.01
CA SER B 65 -9.21 9.97 15.03
C SER B 65 -9.10 8.91 13.93
N HIS B 66 -8.27 9.18 12.93
CA HIS B 66 -7.96 8.24 11.88
C HIS B 66 -7.20 7.04 12.43
N SER B 67 -6.36 7.33 13.43
CA SER B 67 -5.42 6.40 14.01
C SER B 67 -5.47 6.49 15.52
N TYR B 68 -4.72 5.61 16.17
CA TYR B 68 -4.35 5.73 17.58
C TYR B 68 -2.82 5.75 17.59
N SER B 69 -2.19 6.08 18.71
CA SER B 69 -0.75 6.09 18.73
C SER B 69 -0.27 7.47 18.23
N LYS B 70 0.80 7.96 18.85
CA LYS B 70 1.32 9.28 18.58
C LYS B 70 2.79 9.15 18.18
N VAL B 71 3.25 10.09 17.37
CA VAL B 71 4.64 10.20 17.04
C VAL B 71 5.35 10.88 18.21
N TYR B 72 6.56 10.41 18.53
CA TYR B 72 7.41 11.01 19.57
C TYR B 72 7.85 12.40 19.10
N ALA B 73 7.75 13.38 20.00
CA ALA B 73 8.23 14.73 19.77
C ALA B 73 9.72 14.78 20.11
N GLN B 74 10.54 14.61 19.08
CA GLN B 74 11.98 14.56 19.19
C GLN B 74 12.45 15.97 19.53
N ARG B 75 13.27 16.12 20.57
CA ARG B 75 13.68 17.43 21.08
C ARG B 75 15.02 17.86 20.46
N ALA B 76 15.84 16.85 20.11
CA ALA B 76 17.21 17.09 19.76
C ALA B 76 17.69 16.00 18.84
N PRO B 77 18.76 16.22 18.06
CA PRO B 77 19.36 15.15 17.26
C PRO B 77 19.79 13.95 18.12
N TYR B 78 19.72 12.76 17.55
CA TYR B 78 20.05 11.53 18.25
C TYR B 78 21.57 11.47 18.49
N HIS B 79 21.98 11.05 19.70
CA HIS B 79 23.36 10.71 20.02
C HIS B 79 23.37 9.45 20.88
N PRO B 80 24.42 8.60 20.77
CA PRO B 80 24.45 7.32 21.48
C PRO B 80 24.35 7.35 23.01
N ASP B 81 24.75 8.48 23.63
CA ASP B 81 24.72 8.60 25.08
C ASP B 81 23.44 9.32 25.56
N GLY B 82 22.59 9.77 24.63
CA GLY B 82 21.27 10.37 24.96
C GLY B 82 20.16 9.33 25.06
N VAL B 83 18.94 9.85 25.14
CA VAL B 83 17.74 9.04 25.23
C VAL B 83 17.71 8.11 24.02
N PHE B 84 17.16 6.91 24.22
CA PHE B 84 16.98 5.99 23.15
C PHE B 84 15.62 6.22 22.48
N MET B 85 15.67 6.93 21.36
CA MET B 85 14.49 7.22 20.56
C MET B 85 13.40 7.76 21.49
N SER B 86 12.26 7.07 21.61
CA SER B 86 11.07 7.48 22.34
C SER B 86 10.93 6.73 23.67
N PHE B 87 11.94 5.93 24.05
CA PHE B 87 11.80 4.93 25.14
C PHE B 87 11.62 5.59 26.53
N GLU B 88 11.82 6.91 26.66
CA GLU B 88 11.48 7.61 27.91
C GLU B 88 10.01 7.41 28.25
N GLY B 89 9.16 7.18 27.24
CA GLY B 89 7.72 6.98 27.44
C GLY B 89 7.30 5.52 27.47
N TYR B 90 8.25 4.58 27.30
CA TYR B 90 7.94 3.15 27.32
C TYR B 90 7.76 2.70 28.78
N ASN B 91 6.85 1.77 29.06
CA ASN B 91 6.79 1.14 30.38
C ASN B 91 6.81 -0.38 30.15
N VAL B 92 8.01 -0.95 30.26
CA VAL B 92 8.22 -2.33 29.90
C VAL B 92 7.54 -3.24 30.94
N GLU B 93 7.69 -2.93 32.23
CA GLU B 93 7.37 -3.88 33.28
C GLU B 93 5.84 -4.02 33.46
N VAL B 94 5.04 -3.04 33.04
CA VAL B 94 3.56 -3.14 33.16
C VAL B 94 2.99 -4.01 32.03
N ARG B 95 3.75 -4.23 30.94
CA ARG B 95 3.29 -5.10 29.84
C ARG B 95 2.87 -6.46 30.42
N ASP B 96 1.71 -6.99 30.00
CA ASP B 96 1.17 -8.20 30.60
C ASP B 96 1.94 -9.44 30.12
N ARG B 97 2.77 -9.29 29.09
CA ARG B 97 3.65 -10.38 28.65
C ARG B 97 4.94 -10.44 29.49
N VAL B 98 5.13 -9.51 30.43
CA VAL B 98 6.20 -9.57 31.43
C VAL B 98 5.65 -10.29 32.66
N LYS B 99 6.12 -11.53 32.90
CA LYS B 99 5.62 -12.34 33.98
C LYS B 99 6.02 -11.72 35.33
N CYS B 100 7.28 -11.26 35.41
CA CYS B 100 7.81 -10.62 36.61
C CYS B 100 9.24 -10.15 36.34
N ILE B 101 9.80 -9.42 37.30
CA ILE B 101 11.20 -9.07 37.31
C ILE B 101 11.93 -10.13 38.13
N SER B 102 12.81 -10.89 37.48
CA SER B 102 13.58 -11.95 38.11
C SER B 102 14.23 -11.43 39.39
N GLY B 103 14.12 -12.20 40.46
CA GLY B 103 14.83 -11.90 41.69
C GLY B 103 16.32 -12.09 41.57
N VAL B 104 16.75 -13.15 40.87
CA VAL B 104 18.19 -13.48 40.75
C VAL B 104 18.86 -12.49 39.79
N GLU B 105 18.20 -12.19 38.67
CA GLU B 105 18.81 -11.49 37.53
C GLU B 105 18.47 -9.98 37.52
N GLY B 106 17.32 -9.63 38.10
CA GLY B 106 16.85 -8.25 38.14
C GLY B 106 16.39 -7.75 36.77
N VAL B 107 15.96 -8.66 35.90
CA VAL B 107 15.46 -8.31 34.57
C VAL B 107 14.14 -9.03 34.32
N PRO B 108 13.30 -8.51 33.38
CA PRO B 108 12.03 -9.15 33.06
C PRO B 108 12.14 -10.55 32.40
N LEU B 109 11.16 -11.41 32.73
CA LEU B 109 10.90 -12.68 32.05
CA LEU B 109 10.90 -12.68 32.03
C LEU B 109 9.64 -12.53 31.18
N SER B 110 9.72 -12.94 29.91
CA SER B 110 8.62 -12.82 28.96
C SER B 110 7.85 -14.14 28.89
N THR B 111 6.56 -14.05 28.52
CA THR B 111 5.73 -15.20 28.22
C THR B 111 5.05 -15.03 26.85
N GLN B 112 5.60 -14.15 26.00
CA GLN B 112 4.90 -13.77 24.76
C GLN B 112 4.57 -15.00 23.90
N TRP B 113 5.56 -15.88 23.68
CA TRP B 113 5.36 -17.05 22.82
C TRP B 113 5.47 -18.34 23.63
N GLY B 114 5.12 -18.30 24.91
CA GLY B 114 5.19 -19.49 25.74
C GLY B 114 4.90 -19.18 27.20
N PRO B 115 3.86 -19.79 27.81
CA PRO B 115 3.53 -19.51 29.21
C PRO B 115 4.64 -19.93 30.19
N GLN B 116 5.54 -20.82 29.76
CA GLN B 116 6.62 -21.34 30.63
C GLN B 116 7.56 -20.19 31.04
N GLY B 117 7.67 -19.15 30.21
CA GLY B 117 8.53 -18.00 30.54
C GLY B 117 9.97 -18.21 30.10
N TYR B 118 10.60 -17.14 29.63
CA TYR B 118 11.95 -17.18 29.13
C TYR B 118 12.50 -15.76 29.17
N PHE B 119 13.82 -15.64 29.32
CA PHE B 119 14.50 -14.37 29.21
C PHE B 119 14.58 -14.00 27.73
N TYR B 120 13.83 -12.98 27.32
CA TYR B 120 13.83 -12.50 25.95
C TYR B 120 14.78 -11.31 25.89
N PRO B 121 15.94 -11.43 25.21
CA PRO B 121 16.92 -10.34 25.18
C PRO B 121 16.35 -8.98 24.72
N ILE B 122 15.37 -8.98 23.81
CA ILE B 122 14.81 -7.73 23.30
C ILE B 122 14.12 -7.00 24.46
N GLN B 123 13.30 -7.72 25.21
CA GLN B 123 12.56 -7.18 26.34
C GLN B 123 13.52 -6.68 27.43
N ILE B 124 14.62 -7.41 27.65
CA ILE B 124 15.63 -7.06 28.65
C ILE B 124 16.36 -5.78 28.20
N ALA B 125 16.74 -5.70 26.93
CA ALA B 125 17.37 -4.50 26.38
C ALA B 125 16.43 -3.29 26.51
N GLN B 126 15.13 -3.50 26.21
CA GLN B 126 14.15 -2.40 26.26
C GLN B 126 13.94 -1.94 27.71
N TYR B 127 13.97 -2.89 28.65
CA TYR B 127 13.92 -2.59 30.07
C TYR B 127 15.05 -1.63 30.40
N GLY B 128 16.26 -2.01 30.01
CA GLY B 128 17.44 -1.20 30.21
C GLY B 128 17.36 0.16 29.54
N LEU B 129 17.00 0.18 28.26
CA LEU B 129 17.05 1.42 27.47
C LEU B 129 15.98 2.40 27.93
N SER B 130 14.79 1.88 28.31
CA SER B 130 13.72 2.76 28.80
C SER B 130 14.13 3.39 30.13
N HIS B 131 14.72 2.60 31.03
CA HIS B 131 15.16 3.12 32.34
C HIS B 131 16.33 4.10 32.17
N TYR B 132 17.24 3.81 31.23
CA TYR B 132 18.32 4.74 30.89
C TYR B 132 17.73 6.08 30.44
N SER B 133 16.71 6.02 29.58
CA SER B 133 16.13 7.24 28.99
C SER B 133 15.39 8.06 30.07
N LYS B 134 14.64 7.36 30.92
CA LYS B 134 13.90 7.99 32.03
C LYS B 134 14.88 8.67 32.99
N ASN B 135 16.05 8.05 33.18
CA ASN B 135 17.08 8.63 34.04
C ASN B 135 17.45 10.05 33.56
N LEU B 136 17.43 10.30 32.24
CA LEU B 136 17.85 11.56 31.67
C LEU B 136 16.69 12.55 31.61
N THR B 137 15.44 12.09 31.68
CA THR B 137 14.30 12.98 31.46
C THR B 137 13.52 13.31 32.73
N GLU B 138 13.55 12.45 33.76
CA GLU B 138 12.68 12.64 34.93
C GLU B 138 13.41 13.48 35.98
N LYS B 139 12.64 14.01 36.94
CA LYS B 139 13.21 14.67 38.12
C LYS B 139 13.97 13.64 38.96
N PRO B 140 15.09 14.02 39.60
CA PRO B 140 15.78 13.10 40.50
C PRO B 140 14.83 12.54 41.56
N PRO B 141 14.98 11.28 42.00
CA PRO B 141 14.06 10.73 42.99
C PRO B 141 14.28 11.31 44.40
N HIS B 142 13.23 11.29 45.22
CA HIS B 142 13.41 11.43 46.64
C HIS B 142 14.01 10.11 47.17
N ILE B 143 15.05 10.23 48.00
CA ILE B 143 15.72 9.09 48.60
C ILE B 143 15.66 9.22 50.12
N GLU B 144 15.04 8.25 50.79
CA GLU B 144 14.93 8.21 52.24
C GLU B 144 15.79 7.05 52.75
N VAL B 145 16.71 7.37 53.67
CA VAL B 145 17.67 6.41 54.21
C VAL B 145 17.22 6.00 55.61
N TYR B 146 17.04 4.70 55.84
CA TYR B 146 16.51 4.21 57.10
C TYR B 146 17.61 3.57 57.98
N GLU B 147 18.69 3.05 57.37
CA GLU B 147 19.76 2.38 58.13
C GLU B 147 21.10 2.45 57.40
N THR B 148 22.10 3.04 58.06
CA THR B 148 23.49 3.05 57.58
C THR B 148 24.42 2.35 58.59
N ALA B 149 23.94 2.13 59.82
CA ALA B 149 24.73 1.57 60.94
C ALA B 149 25.96 2.43 61.24
N GLU B 150 25.90 3.73 60.91
CA GLU B 150 26.99 4.68 61.12
C GLU B 150 26.68 5.46 62.40
N ASP B 151 27.34 6.61 62.56
CA ASP B 151 26.96 7.63 63.53
C ASP B 151 26.11 8.68 62.80
N ARG B 152 24.87 8.29 62.49
CA ARG B 152 23.91 9.07 61.71
C ARG B 152 23.48 10.33 62.45
N ASP B 153 22.99 10.26 63.71
CA ASP B 153 22.75 9.06 64.50
C ASP B 153 21.40 9.21 65.22
N LYS B 154 20.46 9.90 64.56
CA LYS B 154 19.10 10.17 65.05
C LYS B 154 18.13 9.99 63.87
N ASN B 155 16.85 10.34 64.08
CA ASN B 155 15.75 10.23 63.08
C ASN B 155 15.13 8.83 63.13
N LYS B 156 15.15 8.21 64.32
CA LYS B 156 14.63 6.86 64.60
C LYS B 156 15.23 5.82 63.65
N PRO B 157 16.58 5.78 63.47
CA PRO B 157 17.22 4.77 62.61
C PRO B 157 17.37 3.43 63.33
N ASN B 158 17.03 3.43 64.62
CA ASN B 158 17.20 2.31 65.55
C ASN B 158 15.82 1.78 65.96
N ASP B 159 14.82 1.98 65.09
CA ASP B 159 13.48 1.41 65.30
C ASP B 159 13.45 -0.05 64.81
N TRP B 160 14.38 -0.84 65.36
CA TRP B 160 14.44 -2.27 65.16
C TRP B 160 13.70 -2.97 66.31
N THR B 161 12.88 -3.96 65.98
CA THR B 161 12.29 -4.87 66.93
C THR B 161 13.08 -6.18 66.87
N VAL B 162 13.60 -6.60 68.03
CA VAL B 162 14.40 -7.81 68.14
C VAL B 162 13.72 -8.73 69.15
N PRO B 163 12.87 -9.69 68.70
CA PRO B 163 12.20 -10.62 69.61
C PRO B 163 13.20 -11.58 70.28
N LYS B 164 12.74 -12.24 71.35
CA LYS B 164 13.54 -13.23 72.07
C LYS B 164 14.00 -14.31 71.08
N GLY B 165 15.29 -14.68 71.18
CA GLY B 165 15.90 -15.67 70.32
C GLY B 165 16.54 -15.05 69.08
N CYS B 166 16.48 -13.71 68.97
CA CYS B 166 17.11 -12.97 67.87
C CYS B 166 18.16 -12.02 68.45
N PHE B 167 19.10 -11.57 67.60
CA PHE B 167 20.15 -10.65 68.00
C PHE B 167 20.55 -9.74 66.82
N MET B 168 21.03 -8.54 67.15
CA MET B 168 21.51 -7.57 66.18
C MET B 168 22.72 -6.83 66.76
N ALA B 169 23.57 -6.26 65.90
CA ALA B 169 24.69 -5.44 66.31
C ALA B 169 25.16 -4.59 65.13
N ASN B 170 25.76 -3.44 65.43
CA ASN B 170 26.54 -2.66 64.49
C ASN B 170 27.98 -3.19 64.51
N VAL B 171 28.48 -3.61 63.35
CA VAL B 171 29.81 -4.22 63.25
C VAL B 171 30.49 -3.64 61.99
N ALA B 172 31.82 -3.52 62.05
CA ALA B 172 32.59 -3.02 60.92
C ALA B 172 32.74 -4.12 59.86
N ASP B 173 32.75 -3.71 58.59
CA ASP B 173 33.06 -4.59 57.46
C ASP B 173 34.24 -3.97 56.72
N LYS B 174 35.43 -4.53 56.96
CA LYS B 174 36.69 -3.97 56.47
C LYS B 174 36.66 -3.93 54.93
N SER B 175 36.16 -5.00 54.32
CA SER B 175 36.11 -5.14 52.87
C SER B 175 35.33 -3.97 52.24
N ARG B 176 34.24 -3.54 52.87
CA ARG B 176 33.32 -2.55 52.30
C ARG B 176 33.54 -1.15 52.91
N PHE B 177 34.50 -1.02 53.84
CA PHE B 177 34.92 0.27 54.45
C PHE B 177 33.72 1.00 55.07
N THR B 178 32.89 0.25 55.81
CA THR B 178 31.65 0.78 56.37
C THR B 178 31.25 -0.07 57.57
N ASN B 179 30.33 0.46 58.38
CA ASN B 179 29.65 -0.32 59.39
C ASN B 179 28.38 -0.90 58.78
N VAL B 180 28.01 -2.08 59.25
CA VAL B 180 26.90 -2.85 58.75
C VAL B 180 26.07 -3.34 59.95
N LYS B 181 24.84 -3.75 59.66
CA LYS B 181 23.93 -4.30 60.63
C LYS B 181 23.98 -5.83 60.54
N GLN B 182 24.53 -6.48 61.58
CA GLN B 182 24.46 -7.92 61.71
C GLN B 182 23.08 -8.30 62.27
N PHE B 183 22.52 -9.40 61.77
CA PHE B 183 21.26 -9.92 62.27
C PHE B 183 21.34 -11.44 62.38
N ILE B 184 20.72 -11.98 63.43
CA ILE B 184 20.55 -13.40 63.63
C ILE B 184 19.10 -13.63 64.08
N ALA B 185 18.35 -14.43 63.30
CA ALA B 185 16.95 -14.67 63.57
C ALA B 185 16.54 -16.00 62.96
N PRO B 186 16.12 -17.01 63.76
CA PRO B 186 15.67 -18.28 63.20
C PRO B 186 14.40 -18.06 62.36
N GLU B 187 14.19 -18.95 61.37
CA GLU B 187 13.13 -18.76 60.37
C GLU B 187 11.78 -19.06 61.00
N THR B 188 11.74 -19.98 61.96
CA THR B 188 10.51 -20.28 62.71
C THR B 188 10.31 -19.24 63.83
N SER B 189 10.56 -17.97 63.51
CA SER B 189 10.36 -16.85 64.43
C SER B 189 9.86 -15.63 63.65
N GLU B 190 9.47 -14.58 64.36
CA GLU B 190 8.94 -13.35 63.78
C GLU B 190 9.99 -12.68 62.89
N GLY B 191 11.27 -12.85 63.25
CA GLY B 191 12.39 -12.15 62.62
C GLY B 191 12.61 -10.78 63.25
N VAL B 192 13.75 -10.16 62.89
CA VAL B 192 14.03 -8.78 63.27
C VAL B 192 13.37 -7.84 62.25
N SER B 193 12.86 -6.71 62.74
CA SER B 193 11.92 -5.90 61.99
C SER B 193 12.30 -4.42 62.13
N LEU B 194 12.41 -3.73 60.99
CA LEU B 194 12.69 -2.30 60.93
C LEU B 194 11.43 -1.58 60.44
N GLN B 195 10.92 -0.66 61.25
CA GLN B 195 9.76 0.16 60.88
C GLN B 195 10.21 1.16 59.82
N LEU B 196 9.38 1.34 58.78
CA LEU B 196 9.70 2.16 57.63
C LEU B 196 8.67 3.30 57.54
N GLY B 197 7.46 3.01 57.05
CA GLY B 197 6.33 3.93 57.10
C GLY B 197 6.20 4.86 55.90
N ASN B 198 6.77 4.50 54.74
CA ASN B 198 6.80 5.39 53.56
C ASN B 198 5.47 5.28 52.80
N THR B 199 4.81 6.42 52.55
CA THR B 199 3.52 6.45 51.85
C THR B 199 3.65 7.03 50.43
N LYS B 200 4.85 7.43 50.00
CA LYS B 200 5.03 8.16 48.72
C LYS B 200 5.88 7.39 47.70
N ASP B 201 6.86 6.60 48.18
CA ASP B 201 7.89 6.00 47.34
C ASP B 201 7.95 4.49 47.59
N PHE B 202 8.21 3.71 46.54
CA PHE B 202 8.03 2.24 46.62
C PHE B 202 9.18 1.47 45.99
N ILE B 203 10.33 2.12 45.73
CA ILE B 203 11.55 1.39 45.35
C ILE B 203 12.40 1.17 46.60
N ILE B 204 12.46 -0.08 47.06
CA ILE B 204 13.26 -0.43 48.20
C ILE B 204 14.63 -0.95 47.75
N SER B 205 15.66 -0.57 48.51
CA SER B 205 17.02 -0.90 48.20
C SER B 205 17.74 -1.21 49.51
N PHE B 206 18.65 -2.19 49.46
CA PHE B 206 19.47 -2.54 50.62
C PHE B 206 20.65 -3.41 50.15
N ASP B 207 21.81 -3.14 50.74
CA ASP B 207 22.97 -4.02 50.65
C ASP B 207 22.75 -5.20 51.59
N LEU B 208 23.00 -6.41 51.08
CA LEU B 208 22.68 -7.67 51.74
C LEU B 208 23.83 -8.66 51.58
N LYS B 209 24.12 -9.38 52.67
CA LYS B 209 24.99 -10.56 52.64
C LYS B 209 24.49 -11.57 53.69
N PHE B 210 24.05 -12.74 53.19
CA PHE B 210 23.60 -13.85 54.03
C PHE B 210 24.81 -14.73 54.40
N LEU B 211 24.80 -15.26 55.63
CA LEU B 211 25.74 -16.29 56.11
C LEU B 211 25.10 -17.68 55.94
N THR B 212 23.79 -17.74 56.21
CA THR B 212 22.97 -18.94 55.99
C THR B 212 21.84 -18.60 55.02
N ASN B 213 20.96 -19.58 54.76
CA ASN B 213 19.68 -19.34 54.12
C ASN B 213 18.86 -18.35 54.96
N GLY B 214 17.98 -17.59 54.29
CA GLY B 214 17.11 -16.66 54.97
C GLY B 214 16.20 -15.93 54.00
N SER B 215 15.65 -14.81 54.48
CA SER B 215 14.76 -13.98 53.67
C SER B 215 14.75 -12.54 54.19
N VAL B 216 14.43 -11.62 53.28
CA VAL B 216 14.15 -10.23 53.61
C VAL B 216 12.77 -9.93 53.02
N SER B 217 11.84 -9.55 53.90
CA SER B 217 10.44 -9.41 53.56
C SER B 217 10.01 -7.96 53.80
N VAL B 218 9.03 -7.51 53.02
CA VAL B 218 8.50 -6.16 53.12
C VAL B 218 6.98 -6.26 53.25
N VAL B 219 6.45 -5.63 54.30
CA VAL B 219 5.03 -5.59 54.55
C VAL B 219 4.47 -4.32 53.90
N LEU B 220 3.37 -4.48 53.16
CA LEU B 220 2.70 -3.41 52.41
C LEU B 220 1.24 -3.29 52.85
N GLU B 221 0.81 -2.06 53.19
CA GLU B 221 -0.60 -1.70 53.15
C GLU B 221 -0.98 -1.46 51.68
N THR B 222 -2.16 -1.92 51.26
CA THR B 222 -2.60 -1.78 49.86
C THR B 222 -3.93 -1.01 49.78
N THR B 223 -4.30 -0.68 48.53
CA THR B 223 -5.51 0.07 48.20
C THR B 223 -6.73 -0.86 48.13
N GLU B 224 -6.52 -2.17 48.31
CA GLU B 224 -7.60 -3.14 48.26
C GLU B 224 -8.11 -3.35 49.69
N LYS B 225 -9.05 -2.50 50.11
CA LYS B 225 -9.77 -2.64 51.37
C LYS B 225 -8.79 -2.73 52.55
N ASN B 226 -7.75 -1.89 52.52
CA ASN B 226 -6.83 -1.66 53.64
C ASN B 226 -5.99 -2.92 53.94
N GLN B 227 -5.92 -3.89 53.03
CA GLN B 227 -5.40 -5.22 53.40
C GLN B 227 -3.88 -5.28 53.20
N LEU B 228 -3.25 -6.04 54.09
CA LEU B 228 -1.80 -6.18 54.16
C LEU B 228 -1.38 -7.32 53.23
N PHE B 229 -0.34 -7.07 52.45
CA PHE B 229 0.36 -8.10 51.67
C PHE B 229 1.84 -8.07 52.09
N THR B 230 2.47 -9.23 52.15
CA THR B 230 3.90 -9.33 52.41
C THR B 230 4.60 -9.90 51.18
N ILE B 231 5.71 -9.25 50.79
CA ILE B 231 6.56 -9.73 49.71
C ILE B 231 7.87 -10.24 50.34
N HIS B 232 8.15 -11.53 50.10
CA HIS B 232 9.29 -12.24 50.65
C HIS B 232 10.37 -12.41 49.58
N TYR B 233 11.55 -11.84 49.84
CA TYR B 233 12.73 -12.02 48.99
C TYR B 233 13.61 -13.10 49.64
N VAL B 234 13.53 -14.32 49.09
CA VAL B 234 14.03 -15.55 49.73
C VAL B 234 15.33 -15.98 49.06
N SER B 235 16.24 -16.60 49.85
CA SER B 235 17.58 -16.96 49.39
C SER B 235 17.56 -18.27 48.60
N ASN B 236 16.63 -18.42 47.63
CA ASN B 236 16.63 -19.55 46.68
C ASN B 236 16.44 -19.00 45.26
N ALA B 237 16.31 -19.90 44.28
CA ALA B 237 16.26 -19.55 42.85
C ALA B 237 14.83 -19.68 42.30
N GLN B 238 13.82 -19.89 43.15
CA GLN B 238 12.44 -20.00 42.70
C GLN B 238 11.98 -18.63 42.18
N LEU B 239 11.26 -18.64 41.05
CA LEU B 239 10.97 -17.41 40.33
C LEU B 239 9.96 -16.57 41.12
N ILE B 240 8.72 -17.07 41.20
CA ILE B 240 7.62 -16.31 41.76
C ILE B 240 6.55 -17.28 42.26
N ALA B 241 5.98 -16.97 43.44
CA ALA B 241 4.89 -17.73 44.04
C ALA B 241 3.92 -16.75 44.73
N PHE B 242 2.64 -17.12 44.76
CA PHE B 242 1.60 -16.30 45.37
C PHE B 242 0.60 -17.21 46.08
N LYS B 243 0.49 -17.04 47.41
CA LYS B 243 -0.55 -17.71 48.21
C LYS B 243 -1.03 -16.71 49.26
N GLU B 244 -2.24 -16.17 49.03
CA GLU B 244 -2.64 -14.87 49.55
C GLU B 244 -2.53 -14.92 51.08
N ARG B 245 -1.81 -13.99 51.69
CA ARG B 245 -1.50 -12.65 51.18
C ARG B 245 0.02 -12.49 51.06
N ASP B 246 0.68 -13.56 50.61
CA ASP B 246 2.12 -13.66 50.61
C ASP B 246 2.59 -13.85 49.17
N ILE B 247 3.59 -13.05 48.78
CA ILE B 247 4.27 -13.14 47.50
C ILE B 247 5.75 -13.46 47.76
N TYR B 248 6.30 -14.40 46.98
CA TYR B 248 7.66 -14.89 47.16
C TYR B 248 8.44 -14.75 45.85
N TYR B 249 9.64 -14.17 45.95
CA TYR B 249 10.61 -14.08 44.88
C TYR B 249 11.93 -14.67 45.38
N GLY B 250 12.48 -15.65 44.66
CA GLY B 250 13.83 -16.08 44.91
C GLY B 250 14.82 -15.06 44.40
N ILE B 251 15.77 -14.63 45.25
CA ILE B 251 16.83 -13.69 44.85
C ILE B 251 18.20 -14.39 44.83
N GLY B 252 18.23 -15.71 45.01
CA GLY B 252 19.46 -16.49 44.98
C GLY B 252 20.20 -16.44 46.31
N PRO B 253 21.33 -17.16 46.45
CA PRO B 253 22.02 -17.31 47.75
C PRO B 253 22.39 -15.98 48.44
N ARG B 254 22.87 -15.01 47.64
CA ARG B 254 23.34 -13.69 48.13
C ARG B 254 24.34 -13.87 49.29
N THR B 255 25.34 -14.71 49.07
CA THR B 255 26.36 -15.04 50.07
C THR B 255 27.57 -14.10 49.96
N SER B 256 27.60 -13.27 48.90
CA SER B 256 28.53 -12.15 48.74
C SER B 256 27.74 -10.85 48.66
N TRP B 257 28.33 -9.76 49.17
CA TRP B 257 27.72 -8.44 49.12
C TRP B 257 27.14 -8.17 47.74
N SER B 258 25.90 -7.68 47.72
CA SER B 258 25.28 -7.09 46.55
C SER B 258 24.20 -6.11 47.02
N THR B 259 23.83 -5.18 46.14
CA THR B 259 22.72 -4.27 46.35
C THR B 259 21.45 -4.87 45.73
N VAL B 260 20.45 -5.14 46.57
CA VAL B 260 19.15 -5.58 46.11
C VAL B 260 18.27 -4.34 45.94
N THR B 261 17.74 -4.15 44.72
CA THR B 261 16.80 -3.08 44.40
C THR B 261 15.53 -3.70 43.82
N ARG B 262 14.37 -3.40 44.44
CA ARG B 262 13.09 -3.94 43.99
C ARG B 262 12.05 -2.82 43.89
N ASP B 263 11.24 -2.86 42.83
CA ASP B 263 10.06 -2.01 42.71
C ASP B 263 8.85 -2.72 43.33
N LEU B 264 8.38 -2.23 44.47
CA LEU B 264 7.31 -2.88 45.24
C LEU B 264 5.96 -2.78 44.51
N VAL B 265 5.74 -1.74 43.71
CA VAL B 265 4.52 -1.64 42.89
C VAL B 265 4.47 -2.82 41.92
N THR B 266 5.51 -2.99 41.10
CA THR B 266 5.61 -4.06 40.12
C THR B 266 5.57 -5.43 40.83
N ASP B 267 6.36 -5.58 41.89
CA ASP B 267 6.49 -6.86 42.57
C ASP B 267 5.14 -7.30 43.16
N LEU B 268 4.35 -6.34 43.67
CA LEU B 268 3.02 -6.62 44.21
C LEU B 268 2.06 -7.01 43.09
N ARG B 269 2.06 -6.24 41.98
CA ARG B 269 1.06 -6.39 40.91
C ARG B 269 1.28 -7.72 40.19
N LYS B 270 2.55 -8.08 39.94
CA LYS B 270 2.91 -9.33 39.25
C LYS B 270 2.62 -10.54 40.15
N GLY B 271 2.80 -10.38 41.47
CA GLY B 271 2.46 -11.41 42.43
C GLY B 271 0.97 -11.72 42.41
N VAL B 272 0.17 -10.70 42.71
CA VAL B 272 -1.29 -10.80 42.79
C VAL B 272 -1.87 -11.27 41.44
N GLY B 273 -1.25 -10.84 40.33
CA GLY B 273 -1.72 -11.14 38.98
C GLY B 273 -1.18 -12.46 38.43
N LEU B 274 -0.44 -13.22 39.24
CA LEU B 274 0.22 -14.43 38.77
C LEU B 274 -0.79 -15.36 38.08
N SER B 275 -0.39 -15.86 36.91
CA SER B 275 -1.26 -16.61 36.00
C SER B 275 -0.45 -17.76 35.39
N ASN B 276 -1.13 -18.82 34.94
CA ASN B 276 -0.49 -19.91 34.21
C ASN B 276 -0.55 -19.66 32.69
N THR B 277 -1.16 -18.54 32.28
CA THR B 277 -1.30 -18.19 30.87
C THR B 277 -0.12 -17.30 30.45
N LYS B 278 -0.14 -16.91 29.16
CA LYS B 278 0.84 -16.01 28.57
C LYS B 278 0.62 -14.56 29.03
N ALA B 279 -0.43 -14.28 29.82
CA ALA B 279 -0.71 -12.91 30.23
C ALA B 279 -0.98 -12.85 31.73
N VAL B 280 -0.38 -11.86 32.40
CA VAL B 280 -0.62 -11.57 33.82
C VAL B 280 -2.09 -11.10 33.95
N LYS B 281 -2.74 -11.49 35.06
CA LYS B 281 -4.10 -11.04 35.31
C LYS B 281 -4.09 -9.54 35.55
N PRO B 282 -5.04 -8.77 34.99
CA PRO B 282 -5.10 -7.34 35.29
C PRO B 282 -5.51 -7.17 36.76
N THR B 283 -4.96 -6.14 37.40
CA THR B 283 -5.33 -5.77 38.76
C THR B 283 -5.19 -4.26 38.87
N LYS B 284 -5.97 -3.65 39.76
CA LYS B 284 -5.86 -2.23 40.07
C LYS B 284 -5.11 -2.04 41.40
N ILE B 285 -4.70 -3.13 42.06
CA ILE B 285 -4.09 -3.02 43.40
C ILE B 285 -2.77 -2.24 43.32
N MET B 286 -2.56 -1.38 44.32
CA MET B 286 -1.33 -0.60 44.51
C MET B 286 -0.95 -0.63 45.99
N PRO B 287 0.34 -0.52 46.33
CA PRO B 287 0.76 -0.32 47.73
C PRO B 287 0.49 1.15 48.08
N LYS B 288 0.00 1.42 49.29
CA LYS B 288 -0.17 2.79 49.74
C LYS B 288 0.80 3.11 50.89
N LYS B 289 1.43 2.08 51.47
CA LYS B 289 2.42 2.30 52.53
C LYS B 289 3.39 1.12 52.60
N VAL B 290 4.69 1.43 52.67
CA VAL B 290 5.72 0.47 53.02
C VAL B 290 5.84 0.48 54.55
N VAL B 291 5.36 -0.60 55.19
CA VAL B 291 5.17 -0.63 56.64
C VAL B 291 6.52 -0.93 57.33
N ARG B 292 7.08 -2.11 57.04
CA ARG B 292 8.30 -2.55 57.73
C ARG B 292 9.01 -3.62 56.90
N LEU B 293 10.29 -3.81 57.23
CA LEU B 293 11.17 -4.80 56.62
C LEU B 293 11.56 -5.83 57.68
N ILE B 294 11.39 -7.11 57.35
CA ILE B 294 11.64 -8.25 58.24
C ILE B 294 12.82 -9.05 57.70
N ALA B 295 13.81 -9.33 58.56
CA ALA B 295 14.99 -10.15 58.22
C ALA B 295 14.96 -11.46 59.00
N LYS B 296 15.14 -12.58 58.28
CA LYS B 296 15.22 -13.91 58.87
C LYS B 296 16.51 -14.58 58.38
N GLY B 297 17.06 -15.45 59.25
CA GLY B 297 18.34 -16.13 59.03
C GLY B 297 19.48 -15.34 59.63
N LYS B 298 20.70 -15.65 59.19
CA LYS B 298 21.91 -15.02 59.68
C LYS B 298 22.56 -14.25 58.54
N GLY B 299 22.87 -12.97 58.76
CA GLY B 299 23.50 -12.18 57.73
C GLY B 299 23.74 -10.75 58.16
N PHE B 300 23.90 -9.88 57.15
CA PHE B 300 24.24 -8.47 57.34
C PHE B 300 23.42 -7.61 56.35
N LEU B 301 23.03 -6.42 56.83
CA LEU B 301 22.28 -5.44 56.05
C LEU B 301 22.96 -4.08 56.19
N ASP B 302 22.88 -3.26 55.13
CA ASP B 302 23.36 -1.88 55.14
C ASP B 302 22.61 -1.07 54.07
N ASN B 303 22.62 0.25 54.26
CA ASN B 303 22.11 1.21 53.29
C ASN B 303 20.67 0.87 52.88
N ILE B 304 19.79 0.69 53.87
CA ILE B 304 18.37 0.42 53.60
C ILE B 304 17.72 1.76 53.21
N THR B 305 17.14 1.79 52.00
CA THR B 305 16.64 3.03 51.41
CA THR B 305 16.69 3.00 51.32
C THR B 305 15.31 2.77 50.69
N ILE B 306 14.51 3.83 50.57
CA ILE B 306 13.32 3.81 49.74
C ILE B 306 13.34 5.09 48.87
N SER B 307 13.18 4.87 47.56
CA SER B 307 13.35 5.88 46.54
C SER B 307 12.11 5.93 45.64
N THR B 308 11.88 7.08 45.01
CA THR B 308 10.79 7.23 44.03
C THR B 308 11.07 6.31 42.84
N THR B 309 12.34 6.31 42.41
CA THR B 309 12.78 5.60 41.19
C THR B 309 14.23 5.14 41.42
N ALA B 310 14.64 4.13 40.66
CA ALA B 310 16.03 3.66 40.64
C ALA B 310 16.35 3.17 39.22
N HIS B 311 16.43 4.13 38.31
CA HIS B 311 16.54 3.86 36.89
C HIS B 311 17.86 3.18 36.54
N MET B 312 18.97 3.66 37.12
CA MET B 312 20.29 3.20 36.74
C MET B 312 20.51 1.76 37.23
N ALA B 313 19.93 1.39 38.37
CA ALA B 313 20.06 0.02 38.85
C ALA B 313 19.44 -0.94 37.81
N ALA B 314 18.29 -0.54 37.25
CA ALA B 314 17.59 -1.33 36.24
C ALA B 314 18.45 -1.42 34.97
N PHE B 315 19.00 -0.29 34.55
CA PHE B 315 19.82 -0.20 33.36
C PHE B 315 21.04 -1.12 33.49
N PHE B 316 21.72 -1.10 34.64
CA PHE B 316 22.92 -1.94 34.83
C PHE B 316 22.54 -3.42 34.98
N ALA B 317 21.35 -3.71 35.52
CA ALA B 317 20.90 -5.11 35.61
C ALA B 317 20.76 -5.69 34.20
N ALA B 318 20.19 -4.88 33.29
CA ALA B 318 20.04 -5.26 31.89
C ALA B 318 21.41 -5.44 31.23
N SER B 319 22.29 -4.45 31.38
CA SER B 319 23.63 -4.46 30.81
C SER B 319 24.41 -5.68 31.29
N ASP B 320 24.37 -5.95 32.59
CA ASP B 320 25.12 -7.05 33.19
C ASP B 320 24.57 -8.37 32.65
N TRP B 321 23.24 -8.46 32.51
CA TRP B 321 22.64 -9.68 32.02
C TRP B 321 23.11 -9.95 30.59
N LEU B 322 23.16 -8.90 29.76
CA LEU B 322 23.57 -9.03 28.37
C LEU B 322 25.03 -9.51 28.31
N VAL B 323 25.90 -8.94 29.15
CA VAL B 323 27.31 -9.37 29.14
C VAL B 323 27.39 -10.86 29.49
N ARG B 324 26.72 -11.27 30.56
CA ARG B 324 26.86 -12.63 31.10
C ARG B 324 26.19 -13.66 30.19
N ASN B 325 25.23 -13.25 29.35
CA ASN B 325 24.41 -14.25 28.64
C ASN B 325 24.66 -14.28 27.13
N GLN B 326 25.60 -13.46 26.64
CA GLN B 326 26.06 -13.50 25.26
C GLN B 326 26.75 -14.85 25.01
N ASP B 327 26.53 -15.45 23.84
CA ASP B 327 27.16 -16.73 23.52
C ASP B 327 28.45 -16.47 22.72
N GLU B 328 29.08 -17.56 22.28
CA GLU B 328 30.40 -17.51 21.66
C GLU B 328 30.30 -16.91 20.24
N LYS B 329 29.10 -16.91 19.65
CA LYS B 329 28.91 -16.34 18.31
C LYS B 329 28.56 -14.85 18.38
N GLY B 330 28.52 -14.30 19.61
CA GLY B 330 28.21 -12.90 19.85
C GLY B 330 26.72 -12.67 19.99
N GLY B 331 25.94 -13.74 19.98
CA GLY B 331 24.51 -13.65 19.93
C GLY B 331 23.86 -13.87 21.30
N TRP B 332 22.61 -13.41 21.40
CA TRP B 332 21.68 -13.75 22.46
C TRP B 332 20.61 -14.67 21.88
N PRO B 333 20.77 -15.99 22.05
CA PRO B 333 19.87 -16.96 21.43
C PRO B 333 18.48 -16.83 22.07
N ILE B 334 17.46 -16.97 21.24
CA ILE B 334 16.08 -16.87 21.66
C ILE B 334 15.57 -18.31 21.81
N MET B 335 15.26 -18.68 23.05
N MET B 335 15.17 -18.68 23.03
CA MET B 335 15.04 -20.06 23.44
CA MET B 335 15.06 -20.08 23.44
C MET B 335 13.53 -20.34 23.49
C MET B 335 13.61 -20.56 23.37
N VAL B 336 12.87 -20.11 22.35
CA VAL B 336 11.46 -20.41 22.18
C VAL B 336 11.22 -20.59 20.67
N THR B 337 10.26 -21.44 20.32
CA THR B 337 9.90 -21.66 18.93
C THR B 337 9.11 -20.45 18.41
N ARG B 338 9.44 -20.04 17.18
CA ARG B 338 8.81 -18.91 16.54
C ARG B 338 8.31 -19.34 15.16
N LYS B 339 6.98 -19.30 14.99
CA LYS B 339 6.29 -19.58 13.74
CA LYS B 339 6.33 -19.58 13.72
C LYS B 339 5.71 -18.27 13.21
N LEU B 340 6.39 -17.66 12.24
CA LEU B 340 6.05 -16.30 11.81
C LEU B 340 4.75 -16.32 11.00
N GLY B 341 4.41 -17.46 10.39
CA GLY B 341 3.18 -17.60 9.64
C GLY B 341 3.29 -18.68 8.58
N GLU B 342 2.15 -19.02 7.98
CA GLU B 342 2.10 -20.04 6.94
C GLU B 342 3.00 -19.58 5.77
N GLY B 343 3.88 -20.50 5.36
CA GLY B 343 4.82 -20.29 4.27
C GLY B 343 6.24 -20.15 4.79
N PHE B 344 6.40 -19.74 6.05
CA PHE B 344 7.70 -19.63 6.70
C PHE B 344 7.97 -20.90 7.51
N LYS B 345 9.19 -21.43 7.41
CA LYS B 345 9.61 -22.53 8.28
C LYS B 345 9.59 -22.05 9.75
N SER B 346 9.25 -22.96 10.67
CA SER B 346 9.39 -22.72 12.12
C SER B 346 10.85 -22.43 12.44
N LEU B 347 11.09 -21.46 13.33
CA LEU B 347 12.41 -21.24 13.89
C LEU B 347 12.51 -22.04 15.19
N GLU B 348 13.46 -22.97 15.24
CA GLU B 348 13.66 -23.78 16.43
C GLU B 348 14.40 -22.94 17.47
N PRO B 349 14.23 -23.23 18.77
CA PRO B 349 14.92 -22.48 19.83
C PRO B 349 16.41 -22.32 19.52
N GLY B 350 16.96 -21.14 19.80
CA GLY B 350 18.37 -20.86 19.58
C GLY B 350 18.64 -19.91 18.42
N TRP B 351 17.57 -19.39 17.80
CA TRP B 351 17.70 -18.43 16.71
C TRP B 351 18.14 -17.07 17.27
N TYR B 352 18.78 -16.27 16.42
CA TYR B 352 19.17 -14.90 16.74
C TYR B 352 18.22 -13.91 16.05
N SER B 353 18.13 -12.71 16.61
CA SER B 353 17.34 -11.62 16.06
C SER B 353 18.24 -10.40 15.85
N ALA B 354 18.16 -9.80 14.66
CA ALA B 354 18.90 -8.56 14.40
C ALA B 354 18.42 -7.45 15.35
N MET B 355 17.15 -7.50 15.76
CA MET B 355 16.61 -6.52 16.67
C MET B 355 17.21 -6.71 18.07
N ALA B 356 17.34 -7.97 18.51
CA ALA B 356 17.97 -8.27 19.79
C ALA B 356 19.42 -7.79 19.78
N GLN B 357 20.15 -8.12 18.69
CA GLN B 357 21.56 -7.75 18.61
C GLN B 357 21.70 -6.23 18.70
N GLY B 358 20.87 -5.51 17.94
CA GLY B 358 20.94 -4.03 17.85
C GLY B 358 20.57 -3.33 19.16
N GLN B 359 19.48 -3.78 19.79
CA GLN B 359 19.02 -3.22 21.04
C GLN B 359 20.04 -3.51 22.15
N ALA B 360 20.61 -4.73 22.14
CA ALA B 360 21.65 -5.11 23.08
C ALA B 360 22.87 -4.20 22.89
N ILE B 361 23.26 -3.94 21.64
CA ILE B 361 24.43 -3.11 21.36
C ILE B 361 24.18 -1.69 21.88
N SER B 362 22.97 -1.17 21.66
CA SER B 362 22.62 0.18 22.11
C SER B 362 22.72 0.27 23.65
N THR B 363 22.34 -0.80 24.34
CA THR B 363 22.42 -0.87 25.80
C THR B 363 23.89 -0.91 26.23
N LEU B 364 24.65 -1.82 25.62
CA LEU B 364 26.04 -2.08 26.01
C LEU B 364 26.90 -0.84 25.73
N VAL B 365 26.63 -0.15 24.63
CA VAL B 365 27.38 1.03 24.29
C VAL B 365 27.17 2.11 25.37
N ARG B 366 25.91 2.28 25.79
CA ARG B 366 25.61 3.25 26.85
C ARG B 366 26.32 2.84 28.15
N ALA B 367 26.33 1.55 28.47
CA ALA B 367 27.00 1.06 29.69
C ALA B 367 28.50 1.39 29.63
N TYR B 368 29.09 1.19 28.45
CA TYR B 368 30.50 1.52 28.24
C TYR B 368 30.75 3.02 28.43
N LEU B 369 29.91 3.86 27.81
CA LEU B 369 30.15 5.29 27.84
C LEU B 369 30.06 5.83 29.28
N LEU B 370 29.21 5.23 30.12
CA LEU B 370 29.06 5.63 31.52
C LEU B 370 30.25 5.18 32.38
N THR B 371 30.76 3.96 32.17
CA THR B 371 31.68 3.33 33.10
C THR B 371 33.13 3.36 32.58
N LYS B 372 33.31 3.47 31.27
CA LYS B 372 34.59 3.21 30.58
C LYS B 372 35.10 1.78 30.86
N ASP B 373 34.19 0.87 31.23
CA ASP B 373 34.52 -0.52 31.42
C ASP B 373 34.46 -1.23 30.06
N HIS B 374 35.63 -1.61 29.55
CA HIS B 374 35.78 -2.15 28.21
C HIS B 374 35.08 -3.51 28.05
N ILE B 375 34.72 -4.16 29.15
CA ILE B 375 33.96 -5.40 29.08
C ILE B 375 32.66 -5.16 28.27
N PHE B 376 32.00 -4.02 28.50
CA PHE B 376 30.76 -3.68 27.82
C PHE B 376 31.01 -3.44 26.33
N LEU B 377 32.06 -2.69 26.01
CA LEU B 377 32.36 -2.36 24.62
C LEU B 377 32.72 -3.64 23.85
N ASN B 378 33.47 -4.53 24.48
CA ASN B 378 33.92 -5.77 23.85
C ASN B 378 32.73 -6.68 23.55
N SER B 379 31.75 -6.72 24.46
CA SER B 379 30.52 -7.49 24.27
C SER B 379 29.72 -6.91 23.08
N ALA B 380 29.69 -5.58 22.98
CA ALA B 380 29.03 -4.89 21.88
C ALA B 380 29.71 -5.23 20.56
N LEU B 381 31.05 -5.21 20.54
CA LEU B 381 31.83 -5.51 19.34
C LEU B 381 31.60 -6.95 18.89
N ARG B 382 31.50 -7.89 19.83
CA ARG B 382 31.24 -9.30 19.52
C ARG B 382 29.85 -9.46 18.88
N ALA B 383 28.92 -8.57 19.22
CA ALA B 383 27.50 -8.72 18.88
C ALA B 383 27.22 -8.40 17.41
N THR B 384 28.19 -7.86 16.68
CA THR B 384 28.01 -7.61 15.26
C THR B 384 28.20 -8.88 14.43
N ALA B 385 28.78 -9.95 15.01
CA ALA B 385 29.17 -11.11 14.22
C ALA B 385 27.98 -11.75 13.54
N PRO B 386 26.80 -11.95 14.19
CA PRO B 386 25.66 -12.55 13.51
C PRO B 386 25.11 -11.78 12.28
N TYR B 387 25.39 -10.48 12.18
CA TYR B 387 25.02 -9.68 11.03
C TYR B 387 25.77 -10.12 9.77
N LYS B 388 26.89 -10.83 9.93
CA LYS B 388 27.72 -11.21 8.77
C LYS B 388 27.31 -12.55 8.16
N PHE B 389 26.47 -13.33 8.84
CA PHE B 389 26.14 -14.69 8.42
C PHE B 389 24.66 -14.78 8.06
N LEU B 390 24.39 -15.50 6.95
CA LEU B 390 23.04 -15.73 6.50
C LEU B 390 22.28 -16.50 7.58
N SER B 391 20.96 -16.39 7.52
CA SER B 391 20.03 -17.04 8.42
C SER B 391 20.31 -18.54 8.49
N GLU B 392 20.56 -19.16 7.33
CA GLU B 392 20.80 -20.62 7.25
CA GLU B 392 20.81 -20.61 7.23
C GLU B 392 22.17 -20.98 7.83
N GLN B 393 23.09 -20.02 7.95
CA GLN B 393 24.41 -20.23 8.61
C GLN B 393 24.34 -19.81 10.10
N HIS B 394 23.13 -19.80 10.67
CA HIS B 394 22.83 -19.38 12.05
C HIS B 394 23.25 -17.93 12.31
N GLY B 395 23.06 -17.07 11.32
CA GLY B 395 23.15 -15.65 11.51
C GLY B 395 21.80 -14.96 11.35
N VAL B 396 21.85 -13.72 10.90
CA VAL B 396 20.74 -12.80 10.90
C VAL B 396 20.65 -12.08 9.53
N LYS B 397 21.59 -12.37 8.63
CA LYS B 397 21.71 -11.67 7.36
C LYS B 397 20.72 -12.27 6.35
N ALA B 398 20.02 -11.40 5.63
CA ALA B 398 19.30 -11.78 4.41
C ALA B 398 19.76 -10.86 3.28
N VAL B 399 19.51 -11.30 2.05
CA VAL B 399 19.84 -10.53 0.87
C VAL B 399 18.58 -10.46 0.02
N PHE B 400 18.12 -9.23 -0.22
CA PHE B 400 16.95 -8.98 -1.04
C PHE B 400 17.36 -9.00 -2.51
N MET B 401 16.83 -9.98 -3.26
CA MET B 401 16.99 -10.08 -4.71
CA MET B 401 17.00 -10.12 -4.71
C MET B 401 18.48 -10.00 -5.10
N ASN B 402 19.35 -10.67 -4.36
CA ASN B 402 20.78 -10.77 -4.66
CA ASN B 402 20.79 -10.78 -4.67
C ASN B 402 21.43 -9.39 -4.77
N LYS B 403 20.84 -8.37 -4.13
CA LYS B 403 21.36 -7.01 -4.25
C LYS B 403 21.54 -6.30 -2.91
N HIS B 404 20.56 -6.35 -2.01
CA HIS B 404 20.57 -5.51 -0.81
C HIS B 404 20.68 -6.37 0.46
N ASP B 405 21.75 -6.14 1.23
CA ASP B 405 21.93 -6.74 2.54
C ASP B 405 20.88 -6.22 3.52
N TRP B 406 20.40 -7.12 4.36
CA TRP B 406 19.36 -6.87 5.33
C TRP B 406 19.67 -7.66 6.60
N TYR B 407 19.26 -7.11 7.76
CA TYR B 407 19.44 -7.72 9.07
C TYR B 407 18.05 -8.07 9.62
N GLU B 408 17.82 -9.39 9.76
CA GLU B 408 16.51 -9.99 9.99
C GLU B 408 16.15 -9.97 11.47
N GLU B 409 15.01 -9.35 11.79
CA GLU B 409 14.36 -9.52 13.07
C GLU B 409 14.03 -11.01 13.28
N TYR B 410 13.51 -11.65 12.23
CA TYR B 410 13.17 -13.07 12.23
C TYR B 410 13.92 -13.74 11.07
N PRO B 411 15.01 -14.50 11.34
CA PRO B 411 15.84 -15.06 10.27
C PRO B 411 15.19 -16.30 9.63
N THR B 412 14.11 -16.05 8.91
CA THR B 412 13.25 -17.10 8.41
C THR B 412 13.75 -17.58 7.05
N THR B 413 13.19 -18.71 6.62
CA THR B 413 13.24 -19.22 5.26
C THR B 413 11.79 -19.38 4.78
N PRO B 414 11.42 -18.72 3.69
CA PRO B 414 12.19 -17.66 3.07
C PRO B 414 12.36 -16.44 3.98
N SER B 415 13.21 -15.51 3.56
CA SER B 415 13.47 -14.28 4.30
C SER B 415 12.17 -13.48 4.46
N SER B 416 12.07 -12.70 5.54
CA SER B 416 10.84 -12.00 5.90
C SER B 416 10.96 -10.47 5.75
N PHE B 417 12.15 -9.91 6.01
CA PHE B 417 12.44 -8.46 5.79
C PHE B 417 11.48 -7.58 6.62
N VAL B 418 11.41 -7.83 7.94
CA VAL B 418 10.65 -6.99 8.86
C VAL B 418 11.34 -5.62 8.99
N LEU B 419 10.58 -4.55 8.76
CA LEU B 419 11.17 -3.21 8.70
C LEU B 419 11.66 -2.73 10.07
N ASN B 420 10.83 -2.83 11.12
CA ASN B 420 11.16 -2.10 12.36
C ASN B 420 12.39 -2.73 13.06
N GLY B 421 12.49 -4.07 13.04
CA GLY B 421 13.65 -4.78 13.60
C GLY B 421 14.94 -4.41 12.90
N PHE B 422 14.85 -4.21 11.57
CA PHE B 422 16.00 -3.85 10.77
C PHE B 422 16.50 -2.46 11.21
N MET B 423 15.59 -1.51 11.38
CA MET B 423 16.01 -0.16 11.72
C MET B 423 16.62 -0.15 13.13
N TYR B 424 16.11 -0.98 14.06
CA TYR B 424 16.72 -1.09 15.39
C TYR B 424 18.13 -1.69 15.26
N SER B 425 18.30 -2.63 14.34
CA SER B 425 19.61 -3.25 14.11
C SER B 425 20.61 -2.19 13.64
N LEU B 426 20.16 -1.21 12.85
CA LEU B 426 21.02 -0.15 12.30
C LEU B 426 21.39 0.87 13.38
N ILE B 427 20.44 1.21 14.27
CA ILE B 427 20.69 2.19 15.32
C ILE B 427 21.77 1.64 16.26
N GLY B 428 21.70 0.34 16.55
CA GLY B 428 22.74 -0.34 17.31
C GLY B 428 24.10 -0.19 16.65
N LEU B 429 24.19 -0.52 15.35
CA LEU B 429 25.45 -0.42 14.62
C LEU B 429 25.96 1.03 14.69
N TYR B 430 25.05 2.00 14.58
CA TYR B 430 25.43 3.39 14.63
C TYR B 430 26.07 3.73 15.99
N ASP B 431 25.39 3.35 17.08
CA ASP B 431 25.89 3.59 18.44
C ASP B 431 27.33 3.05 18.58
N LEU B 432 27.54 1.84 18.07
CA LEU B 432 28.82 1.16 18.19
C LEU B 432 29.89 1.84 17.32
N LYS B 433 29.59 2.10 16.04
CA LYS B 433 30.61 2.63 15.14
C LYS B 433 31.04 4.01 15.63
N GLU B 434 30.14 4.78 16.22
CA GLU B 434 30.45 6.12 16.75
C GLU B 434 31.31 6.06 18.02
N THR B 435 31.26 4.94 18.75
CA THR B 435 31.85 4.84 20.06
C THR B 435 33.19 4.08 20.01
N ALA B 436 33.31 3.10 19.12
CA ALA B 436 34.38 2.09 19.19
C ALA B 436 35.73 2.64 18.68
N GLY B 437 35.74 3.75 17.96
CA GLY B 437 36.97 4.26 17.37
C GLY B 437 37.18 3.66 15.99
N GLU B 438 38.18 4.18 15.27
CA GLU B 438 38.32 3.94 13.85
C GLU B 438 38.65 2.46 13.58
N LYS B 439 39.61 1.91 14.34
CA LYS B 439 40.12 0.58 14.07
C LYS B 439 39.09 -0.48 14.53
N LEU B 440 38.68 -0.41 15.79
CA LEU B 440 37.77 -1.40 16.38
C LEU B 440 36.36 -1.30 15.74
N GLY B 441 35.96 -0.10 15.31
CA GLY B 441 34.61 0.17 14.78
C GLY B 441 34.43 -0.13 13.30
N LYS B 442 35.46 -0.67 12.65
CA LYS B 442 35.48 -0.88 11.20
C LYS B 442 34.32 -1.80 10.75
N GLU B 443 34.15 -2.95 11.41
CA GLU B 443 33.12 -3.91 11.03
C GLU B 443 31.72 -3.27 11.21
N ALA B 444 31.50 -2.58 12.33
CA ALA B 444 30.22 -1.95 12.61
C ALA B 444 29.92 -0.89 11.54
N ARG B 445 30.93 -0.12 11.15
CA ARG B 445 30.81 0.96 10.18
C ARG B 445 30.39 0.38 8.82
N SER B 446 31.06 -0.70 8.41
CA SER B 446 30.79 -1.37 7.16
C SER B 446 29.36 -1.93 7.15
N LEU B 447 28.95 -2.60 8.23
CA LEU B 447 27.60 -3.18 8.32
C LEU B 447 26.53 -2.08 8.30
N TYR B 448 26.81 -0.97 8.99
CA TYR B 448 25.89 0.15 9.05
C TYR B 448 25.71 0.79 7.66
N GLU B 449 26.81 1.06 6.98
CA GLU B 449 26.79 1.72 5.67
C GLU B 449 26.02 0.88 4.65
N ARG B 450 26.32 -0.42 4.59
CA ARG B 450 25.63 -1.34 3.67
CA ARG B 450 25.63 -1.34 3.67
C ARG B 450 24.14 -1.40 4.01
N GLY B 451 23.82 -1.51 5.29
CA GLY B 451 22.44 -1.56 5.81
C GLY B 451 21.65 -0.31 5.47
N MET B 452 22.28 0.85 5.61
CA MET B 452 21.60 2.14 5.38
C MET B 452 21.32 2.33 3.88
N GLU B 453 22.25 1.86 3.03
CA GLU B 453 22.06 1.84 1.59
C GLU B 453 20.82 0.99 1.25
N SER B 454 20.71 -0.20 1.86
CA SER B 454 19.57 -1.09 1.64
C SER B 454 18.26 -0.42 2.08
N LEU B 455 18.28 0.22 3.24
CA LEU B 455 17.10 0.86 3.80
C LEU B 455 16.58 1.94 2.83
N LYS B 456 17.47 2.80 2.33
CA LYS B 456 17.07 3.87 1.43
C LYS B 456 16.47 3.26 0.16
N ALA B 457 17.05 2.19 -0.36
CA ALA B 457 16.57 1.60 -1.62
C ALA B 457 15.20 0.95 -1.42
N MET B 458 14.98 0.31 -0.26
CA MET B 458 13.85 -0.62 -0.06
C MET B 458 12.65 0.05 0.66
N LEU B 459 12.86 1.22 1.25
CA LEU B 459 11.79 1.93 2.01
C LEU B 459 10.48 2.00 1.21
N PRO B 460 10.50 2.36 -0.09
CA PRO B 460 9.26 2.52 -0.83
C PRO B 460 8.40 1.24 -0.88
N LEU B 461 9.04 0.06 -0.73
CA LEU B 461 8.29 -1.21 -0.79
C LEU B 461 7.39 -1.35 0.44
N TYR B 462 7.60 -0.54 1.48
CA TYR B 462 6.85 -0.67 2.71
C TYR B 462 5.72 0.37 2.76
N ASP B 463 5.60 1.20 1.71
CA ASP B 463 4.65 2.32 1.70
C ASP B 463 3.43 1.90 0.88
N THR B 464 2.24 1.85 1.50
CA THR B 464 1.02 1.43 0.81
C THR B 464 0.32 2.61 0.13
N GLY B 465 0.73 3.83 0.45
CA GLY B 465 0.02 5.03 0.04
C GLY B 465 -0.96 5.54 1.10
N SER B 466 -1.21 4.75 2.15
CA SER B 466 -2.10 5.18 3.25
C SER B 466 -1.71 4.58 4.60
N GLY B 467 -0.47 4.08 4.69
CA GLY B 467 0.04 3.32 5.82
C GLY B 467 1.34 2.64 5.44
N THR B 468 1.81 1.72 6.29
CA THR B 468 2.99 0.95 6.00
C THR B 468 2.69 -0.54 6.14
N ILE B 469 3.57 -1.34 5.54
CA ILE B 469 3.57 -2.78 5.65
C ILE B 469 4.64 -3.16 6.69
N TYR B 470 4.39 -4.24 7.43
CA TYR B 470 5.25 -4.69 8.51
C TYR B 470 6.50 -5.38 7.98
N ASP B 471 6.36 -6.11 6.85
CA ASP B 471 7.36 -6.99 6.31
C ASP B 471 7.07 -7.21 4.81
N LEU B 472 7.90 -8.01 4.13
CA LEU B 472 7.74 -8.22 2.69
C LEU B 472 7.21 -9.64 2.39
N ARG B 473 6.44 -10.21 3.32
CA ARG B 473 5.95 -11.58 3.13
C ARG B 473 5.05 -11.68 1.89
N HIS B 474 4.32 -10.61 1.54
CA HIS B 474 3.46 -10.60 0.36
C HIS B 474 4.26 -10.98 -0.88
N PHE B 475 5.45 -10.39 -1.02
CA PHE B 475 6.32 -10.62 -2.15
C PHE B 475 7.08 -11.95 -2.01
N MET B 476 7.56 -12.27 -0.81
CA MET B 476 8.35 -13.48 -0.60
C MET B 476 7.47 -14.74 -0.73
N LEU B 477 6.18 -14.66 -0.40
CA LEU B 477 5.29 -15.84 -0.38
C LEU B 477 4.15 -15.76 -1.41
N GLY B 478 3.93 -14.59 -2.04
CA GLY B 478 2.84 -14.43 -3.02
C GLY B 478 1.46 -14.35 -2.36
N ILE B 479 1.34 -13.56 -1.29
CA ILE B 479 0.08 -13.46 -0.52
C ILE B 479 -0.26 -11.98 -0.28
N ALA B 480 -1.32 -11.72 0.48
CA ALA B 480 -1.73 -10.37 0.84
C ALA B 480 -0.65 -9.67 1.67
N PRO B 481 -0.52 -8.33 1.56
CA PRO B 481 0.38 -7.57 2.42
C PRO B 481 0.01 -7.72 3.90
N ASN B 482 1.04 -7.86 4.75
CA ASN B 482 0.88 -7.85 6.19
C ASN B 482 0.98 -6.39 6.67
N LEU B 483 -0.14 -5.68 6.65
CA LEU B 483 -0.18 -4.26 6.97
C LEU B 483 0.24 -4.05 8.43
N ALA B 484 1.04 -3.00 8.65
CA ALA B 484 1.48 -2.64 9.99
C ALA B 484 0.35 -1.95 10.74
N ARG B 485 0.00 -2.43 11.93
CA ARG B 485 -0.97 -1.70 12.76
C ARG B 485 -0.38 -0.34 13.11
N TRP B 486 -1.26 0.59 13.51
CA TRP B 486 -0.88 1.99 13.71
C TRP B 486 0.28 2.16 14.70
N ASP B 487 0.38 1.34 15.74
CA ASP B 487 1.49 1.50 16.70
C ASP B 487 2.81 1.05 16.06
N PHE B 488 2.78 0.12 15.10
CA PHE B 488 4.02 -0.16 14.33
C PHE B 488 4.28 0.96 13.32
N HIS B 489 3.24 1.54 12.73
CA HIS B 489 3.41 2.67 11.81
C HIS B 489 4.08 3.85 12.53
N THR B 490 3.67 4.17 13.76
CA THR B 490 4.31 5.26 14.53
C THR B 490 5.74 4.87 14.95
N THR B 491 5.97 3.59 15.24
CA THR B 491 7.33 3.10 15.46
C THR B 491 8.19 3.37 14.22
N HIS B 492 7.69 3.02 13.03
CA HIS B 492 8.38 3.26 11.78
C HIS B 492 8.73 4.74 11.66
N ILE B 493 7.78 5.63 11.96
CA ILE B 493 8.02 7.08 11.88
C ILE B 493 9.09 7.50 12.89
N ASN B 494 8.98 7.02 14.14
CA ASN B 494 9.91 7.40 15.19
C ASN B 494 11.34 7.00 14.80
N GLN B 495 11.48 5.81 14.17
CA GLN B 495 12.76 5.27 13.74
C GLN B 495 13.35 6.12 12.60
N LEU B 496 12.54 6.46 11.60
CA LEU B 496 13.01 7.24 10.44
C LEU B 496 13.39 8.67 10.87
N GLN B 497 12.59 9.22 11.78
CA GLN B 497 12.80 10.53 12.38
C GLN B 497 14.17 10.55 13.08
N LEU B 498 14.47 9.50 13.86
CA LEU B 498 15.77 9.34 14.50
C LEU B 498 16.89 9.29 13.43
N LEU B 499 16.71 8.42 12.42
CA LEU B 499 17.74 8.26 11.37
C LEU B 499 17.94 9.56 10.60
N SER B 500 16.87 10.37 10.46
CA SER B 500 16.97 11.61 9.71
C SER B 500 17.85 12.63 10.44
N THR B 501 18.18 12.40 11.71
CA THR B 501 19.05 13.33 12.45
C THR B 501 20.52 12.87 12.45
N ILE B 502 20.81 11.67 11.93
CA ILE B 502 22.21 11.18 11.86
C ILE B 502 22.61 10.89 10.41
N ASP B 503 21.68 11.01 9.47
CA ASP B 503 21.93 10.86 8.04
C ASP B 503 21.05 11.89 7.31
N GLU B 504 21.68 12.73 6.49
CA GLU B 504 21.00 13.88 5.89
C GLU B 504 20.28 13.54 4.57
N SER B 505 20.22 12.26 4.19
CA SER B 505 19.50 11.86 2.97
C SER B 505 18.09 12.44 2.97
N PRO B 506 17.70 13.17 1.88
CA PRO B 506 16.33 13.69 1.77
C PRO B 506 15.23 12.63 1.87
N VAL B 507 15.50 11.40 1.41
CA VAL B 507 14.49 10.35 1.36
C VAL B 507 13.89 10.13 2.75
N PHE B 508 14.70 10.22 3.81
CA PHE B 508 14.20 9.97 5.16
C PHE B 508 13.24 11.08 5.60
N LYS B 509 13.57 12.34 5.30
CA LYS B 509 12.73 13.47 5.67
C LYS B 509 11.41 13.43 4.90
N GLU B 510 11.47 13.10 3.61
CA GLU B 510 10.27 13.05 2.74
C GLU B 510 9.33 11.93 3.21
N PHE B 511 9.90 10.77 3.54
CA PHE B 511 9.11 9.65 3.99
C PHE B 511 8.49 9.96 5.37
N VAL B 512 9.26 10.55 6.29
CA VAL B 512 8.74 10.88 7.61
C VAL B 512 7.49 11.77 7.45
N LYS B 513 7.62 12.80 6.62
CA LYS B 513 6.56 13.76 6.40
C LYS B 513 5.30 13.05 5.84
N ARG B 514 5.47 12.20 4.83
CA ARG B 514 4.31 11.55 4.21
C ARG B 514 3.70 10.55 5.22
N TRP B 515 4.55 9.81 5.93
CA TRP B 515 4.05 8.77 6.85
C TRP B 515 3.30 9.40 8.04
N LYS B 516 3.75 10.57 8.50
CA LYS B 516 2.99 11.36 9.48
C LYS B 516 1.60 11.77 8.93
N SER B 517 1.53 12.21 7.68
CA SER B 517 0.25 12.65 7.10
C SER B 517 -0.77 11.49 7.10
N TYR B 518 -0.29 10.25 6.98
CA TYR B 518 -1.20 9.06 6.94
C TYR B 518 -2.00 8.96 8.26
N LEU B 519 -1.42 9.41 9.38
CA LEU B 519 -2.05 9.35 10.70
C LEU B 519 -3.30 10.23 10.76
N LYS B 520 -3.38 11.23 9.88
CA LYS B 520 -4.51 12.15 9.80
C LYS B 520 -5.35 11.92 8.53
N GLY B 521 -5.21 10.75 7.92
CA GLY B 521 -6.10 10.34 6.84
C GLY B 521 -5.68 10.81 5.46
N SER B 522 -4.52 11.47 5.32
CA SER B 522 -3.98 11.78 4.00
C SER B 522 -3.53 10.49 3.30
N ARG B 523 -3.51 10.55 1.96
CA ARG B 523 -3.17 9.45 1.08
C ARG B 523 -2.24 9.97 -0.02
N ALA B 524 -1.34 9.13 -0.51
CA ALA B 524 -0.64 9.41 -1.75
C ALA B 524 -1.69 9.68 -2.84
N LYS B 525 -1.36 10.51 -3.83
CA LYS B 525 -2.28 10.76 -4.94
C LYS B 525 -2.41 9.51 -5.82
N HIS B 526 -3.62 9.28 -6.35
CA HIS B 526 -3.84 8.31 -7.41
C HIS B 526 -3.64 9.02 -8.74
N ASN B 527 -3.47 8.23 -9.82
CA ASN B 527 -3.17 8.74 -11.13
C ASN B 527 -4.48 9.13 -11.84
#